data_8DHK
#
_entry.id   8DHK
#
_cell.length_a   76.793
_cell.length_b   111.298
_cell.length_c   134.105
_cell.angle_alpha   90.000
_cell.angle_beta   90.000
_cell.angle_gamma   90.000
#
_symmetry.space_group_name_H-M   'P 21 21 21'
#
loop_
_entity.id
_entity.type
_entity.pdbx_description
1 polymer 'Sulfide:quinone oxidoreductase'
2 non-polymer 'FLAVIN-ADENINE DINUCLEOTIDE'
3 non-polymer DI(HYDROXYETHYL)ETHER
4 non-polymer '(CARBAMOYLMETHYL-CARBOXYMETHYL-AMINO)-ACETIC ACID'
5 non-polymer 'SULFATE ION'
6 water water
#
_entity_poly.entity_id   1
_entity_poly.type   'polypeptide(L)'
_entity_poly.pdbx_seq_one_letter_code
;MNHYEVLVLGGGSGGITMAARMKRKVGAENVAIVEPSERHFYQPIWTLVGAGAKQLSSSGRPTASVIPSGVEWIKARVTE
LNPDKNCIHTDDDEKISYRYLIIALGIQLDYEKIKGLPEGFAHPKIGSNYSVKTVEKTWKALQDFKEGNAIFTFPNTPVK
(CSS)AGAPQEIMYLSEAYFRKTGKRSKANIIFNTSLGAIFGVKKYADALQEIIQERNLTVNYKKNLIEVRADKQEAVFE
NLDKPGETQVISYEMLHVTPPMSPPDVLKTSPVADAAGWVDVDKETLQHRRYPNVFGIGDCTNLPTSKTAAAVAAQSGIL
DRTISVIMKNQTPTKKYDGYTSCPLVTGYNRVILAEFDYKAEPLETFPFDQSKERLSMYLMKADLMPFLYWNMMLRGYWG
GPAFLRKLFHLGMSLEHHHHHH
;
_entity_poly.pdbx_strand_id   A,B
#
# COMPACT_ATOMS: atom_id res chain seq x y z
N MET A 1 7.94 -34.87 2.28
CA MET A 1 8.24 -33.56 1.70
C MET A 1 9.71 -33.45 1.31
N ASN A 2 9.96 -32.89 0.13
CA ASN A 2 11.32 -32.46 -0.20
C ASN A 2 11.75 -31.38 0.79
N HIS A 3 13.01 -31.44 1.23
CA HIS A 3 13.45 -30.63 2.35
C HIS A 3 14.87 -30.13 2.13
N TYR A 4 15.13 -28.90 2.58
CA TYR A 4 16.46 -28.30 2.52
C TYR A 4 16.70 -27.49 3.78
N GLU A 5 17.95 -27.51 4.26
CA GLU A 5 18.28 -26.69 5.42
C GLU A 5 18.02 -25.21 5.15
N VAL A 6 18.40 -24.75 3.95
CA VAL A 6 18.23 -23.35 3.55
C VAL A 6 17.50 -23.33 2.22
N LEU A 7 16.28 -22.80 2.23
CA LEU A 7 15.48 -22.64 1.02
C LEU A 7 15.45 -21.16 0.65
N VAL A 8 15.85 -20.86 -0.59
CA VAL A 8 15.88 -19.49 -1.09
C VAL A 8 14.76 -19.34 -2.11
N LEU A 9 13.86 -18.38 -1.86
CA LEU A 9 12.74 -18.11 -2.76
C LEU A 9 13.14 -16.95 -3.67
N GLY A 10 13.32 -17.24 -4.95
CA GLY A 10 13.75 -16.23 -5.89
C GLY A 10 15.18 -16.43 -6.30
N GLY A 11 15.43 -16.42 -7.61
CA GLY A 11 16.77 -16.58 -8.14
C GLY A 11 17.25 -15.33 -8.84
N GLY A 12 16.90 -14.16 -8.31
CA GLY A 12 17.39 -12.88 -8.78
C GLY A 12 18.61 -12.41 -8.02
N SER A 13 18.77 -11.08 -7.93
CA SER A 13 19.98 -10.52 -7.33
C SER A 13 20.15 -10.97 -5.88
N GLY A 14 19.11 -10.79 -5.06
CA GLY A 14 19.22 -11.17 -3.67
C GLY A 14 19.26 -12.67 -3.47
N GLY A 15 18.44 -13.41 -4.23
CA GLY A 15 18.38 -14.84 -4.05
C GLY A 15 19.69 -15.54 -4.37
N ILE A 16 20.22 -15.28 -5.57
CA ILE A 16 21.50 -15.88 -5.97
C ILE A 16 22.60 -15.48 -4.99
N THR A 17 22.65 -14.19 -4.63
CA THR A 17 23.70 -13.72 -3.74
C THR A 17 23.63 -14.44 -2.40
N MET A 18 22.44 -14.52 -1.80
CA MET A 18 22.31 -15.22 -0.53
C MET A 18 22.60 -16.70 -0.68
N ALA A 19 22.21 -17.29 -1.82
CA ALA A 19 22.48 -18.71 -2.04
C ALA A 19 23.98 -18.98 -2.03
N ALA A 20 24.76 -18.09 -2.65
CA ALA A 20 26.20 -18.29 -2.68
C ALA A 20 26.80 -18.18 -1.28
N ARG A 21 26.34 -17.22 -0.49
CA ARG A 21 26.84 -17.09 0.86
C ARG A 21 26.45 -18.29 1.70
N MET A 22 25.24 -18.79 1.51
CA MET A 22 24.77 -19.92 2.33
C MET A 22 25.43 -21.22 1.92
N LYS A 23 25.77 -21.38 0.63
CA LYS A 23 26.53 -22.54 0.20
C LYS A 23 27.79 -22.72 1.05
N ARG A 24 28.45 -21.61 1.40
CA ARG A 24 29.69 -21.68 2.15
C ARG A 24 29.48 -21.92 3.64
N LYS A 25 28.26 -21.77 4.15
CA LYS A 25 27.98 -21.97 5.57
C LYS A 25 27.39 -23.35 5.87
N VAL A 26 26.49 -23.83 5.02
CA VAL A 26 25.80 -25.10 5.26
C VAL A 26 26.18 -26.17 4.25
N GLY A 27 26.91 -25.84 3.19
CA GLY A 27 27.18 -26.80 2.13
C GLY A 27 26.17 -26.75 1.01
N ALA A 28 26.65 -26.88 -0.23
CA ALA A 28 25.80 -26.63 -1.40
C ALA A 28 24.58 -27.51 -1.40
N GLU A 29 24.73 -28.81 -1.10
CA GLU A 29 23.62 -29.75 -1.22
C GLU A 29 22.45 -29.38 -0.30
N ASN A 30 22.69 -28.55 0.71
CA ASN A 30 21.67 -28.18 1.68
C ASN A 30 20.99 -26.85 1.35
N VAL A 31 21.20 -26.32 0.14
CA VAL A 31 20.58 -25.09 -0.31
C VAL A 31 19.83 -25.37 -1.60
N ALA A 32 18.63 -24.81 -1.72
CA ALA A 32 17.87 -24.83 -2.95
C ALA A 32 17.39 -23.43 -3.26
N ILE A 33 17.21 -23.15 -4.56
CA ILE A 33 16.66 -21.89 -5.06
C ILE A 33 15.41 -22.20 -5.86
N VAL A 34 14.31 -21.51 -5.56
CA VAL A 34 13.07 -21.63 -6.31
C VAL A 34 12.98 -20.40 -7.22
N GLU A 35 13.06 -20.63 -8.53
CA GLU A 35 13.06 -19.56 -9.53
C GLU A 35 12.49 -20.10 -10.83
N PRO A 36 11.39 -19.54 -11.34
CA PRO A 36 10.84 -20.03 -12.62
C PRO A 36 11.52 -19.49 -13.87
N SER A 37 12.19 -18.35 -13.78
CA SER A 37 12.71 -17.70 -14.98
C SER A 37 14.01 -18.35 -15.46
N GLU A 38 14.12 -18.52 -16.77
CA GLU A 38 15.29 -19.14 -17.37
C GLU A 38 16.47 -18.19 -17.47
N ARG A 39 16.27 -16.89 -17.30
CA ARG A 39 17.35 -15.93 -17.48
C ARG A 39 17.42 -14.95 -16.32
N HIS A 40 18.65 -14.63 -15.94
CA HIS A 40 18.95 -13.74 -14.83
C HIS A 40 19.50 -12.45 -15.40
N PHE A 41 18.92 -11.33 -14.99
CA PHE A 41 19.26 -10.03 -15.55
C PHE A 41 19.91 -9.12 -14.51
N TYR A 42 20.95 -8.41 -14.94
CA TYR A 42 21.44 -7.24 -14.22
C TYR A 42 20.62 -6.06 -14.73
N GLN A 43 19.51 -5.80 -14.04
CA GLN A 43 18.53 -4.84 -14.56
C GLN A 43 19.03 -3.40 -14.65
N PRO A 44 20.02 -2.95 -13.90
CA PRO A 44 20.51 -1.57 -14.09
C PRO A 44 20.94 -1.28 -15.52
N ILE A 45 21.47 -2.28 -16.24
CA ILE A 45 21.90 -2.07 -17.62
C ILE A 45 20.75 -1.58 -18.50
N TRP A 46 19.50 -1.85 -18.10
CA TRP A 46 18.39 -1.57 -19.00
C TRP A 46 18.19 -0.08 -19.21
N THR A 47 18.63 0.75 -18.27
CA THR A 47 18.59 2.19 -18.51
C THR A 47 19.37 2.56 -19.77
N LEU A 48 20.57 1.99 -19.93
CA LEU A 48 21.37 2.32 -21.09
C LEU A 48 20.92 1.56 -22.34
N VAL A 49 20.28 0.39 -22.17
CA VAL A 49 19.72 -0.30 -23.33
C VAL A 49 18.60 0.54 -23.95
N GLY A 50 17.68 1.04 -23.12
CA GLY A 50 16.61 1.87 -23.63
C GLY A 50 17.10 3.17 -24.24
N ALA A 51 18.34 3.54 -24.00
CA ALA A 51 18.95 4.73 -24.59
C ALA A 51 19.89 4.39 -25.74
N GLY A 52 19.92 3.13 -26.18
CA GLY A 52 20.76 2.73 -27.30
C GLY A 52 22.23 2.63 -27.00
N ALA A 53 22.63 2.64 -25.73
CA ALA A 53 24.05 2.65 -25.41
C ALA A 53 24.57 1.27 -25.06
N LYS A 54 23.69 0.32 -24.74
CA LYS A 54 24.10 -1.03 -24.41
C LYS A 54 23.13 -2.02 -25.06
N GLN A 55 23.65 -3.24 -25.30
CA GLN A 55 22.87 -4.34 -25.91
C GLN A 55 22.02 -5.03 -24.83
N LEU A 56 20.77 -5.32 -25.19
CA LEU A 56 19.96 -6.12 -24.24
C LEU A 56 20.66 -7.44 -23.92
N SER A 57 21.22 -8.10 -24.94
CA SER A 57 21.86 -9.41 -24.76
C SER A 57 22.86 -9.40 -23.62
N SER A 58 23.56 -8.28 -23.43
CA SER A 58 24.63 -8.22 -22.45
C SER A 58 24.13 -8.11 -21.01
N SER A 59 22.86 -7.79 -20.80
CA SER A 59 22.33 -7.63 -19.46
C SER A 59 21.89 -8.93 -18.81
N GLY A 60 21.76 -10.01 -19.57
CA GLY A 60 21.28 -11.27 -19.04
C GLY A 60 22.27 -12.42 -19.15
N ARG A 61 22.03 -13.46 -18.35
CA ARG A 61 22.73 -14.73 -18.43
C ARG A 61 21.71 -15.82 -18.13
N PRO A 62 21.92 -17.04 -18.64
CA PRO A 62 21.01 -18.13 -18.27
C PRO A 62 21.03 -18.32 -16.75
N THR A 63 19.84 -18.53 -16.18
CA THR A 63 19.75 -18.74 -14.74
C THR A 63 20.68 -19.87 -14.30
N ALA A 64 20.78 -20.92 -15.12
CA ALA A 64 21.60 -22.06 -14.76
C ALA A 64 23.07 -21.68 -14.59
N SER A 65 23.51 -20.63 -15.28
CA SER A 65 24.91 -20.24 -15.23
C SER A 65 25.28 -19.41 -13.99
N VAL A 66 24.31 -18.89 -13.25
CA VAL A 66 24.59 -18.15 -12.03
C VAL A 66 24.19 -18.90 -10.77
N ILE A 67 23.46 -20.01 -10.89
CA ILE A 67 23.18 -20.87 -9.74
C ILE A 67 24.52 -21.33 -9.18
N PRO A 68 24.85 -21.06 -7.92
CA PRO A 68 26.12 -21.55 -7.38
C PRO A 68 26.22 -23.05 -7.60
N SER A 69 27.42 -23.49 -8.01
CA SER A 69 27.65 -24.89 -8.32
C SER A 69 27.22 -25.79 -7.17
N GLY A 70 26.43 -26.81 -7.49
CA GLY A 70 25.97 -27.76 -6.49
C GLY A 70 24.71 -27.39 -5.78
N VAL A 71 24.26 -26.14 -5.87
CA VAL A 71 22.99 -25.74 -5.28
C VAL A 71 21.87 -26.22 -6.18
N GLU A 72 20.78 -26.68 -5.57
CA GLU A 72 19.65 -27.20 -6.33
C GLU A 72 18.78 -26.04 -6.84
N TRP A 73 18.50 -26.05 -8.13
CA TRP A 73 17.62 -25.05 -8.74
C TRP A 73 16.27 -25.71 -8.99
N ILE A 74 15.25 -25.23 -8.30
CA ILE A 74 13.87 -25.70 -8.47
C ILE A 74 13.21 -24.74 -9.45
N LYS A 75 13.08 -25.16 -10.70
CA LYS A 75 12.54 -24.27 -11.73
C LYS A 75 11.03 -24.29 -11.60
N ALA A 76 10.51 -23.38 -10.78
CA ALA A 76 9.07 -23.35 -10.51
C ALA A 76 8.75 -22.03 -9.81
N ARG A 77 7.46 -21.80 -9.64
CA ARG A 77 6.92 -20.59 -9.05
C ARG A 77 6.35 -20.92 -7.68
N VAL A 78 6.79 -20.19 -6.65
CA VAL A 78 6.19 -20.33 -5.33
C VAL A 78 4.74 -19.87 -5.42
N THR A 79 3.82 -20.71 -4.92
CA THR A 79 2.40 -20.41 -4.90
C THR A 79 1.81 -20.27 -3.50
N GLU A 80 2.53 -20.67 -2.45
CA GLU A 80 2.03 -20.51 -1.09
C GLU A 80 3.17 -20.68 -0.11
N LEU A 81 3.10 -19.93 0.99
CA LEU A 81 4.03 -20.08 2.10
C LEU A 81 3.23 -20.41 3.36
N ASN A 82 3.65 -21.46 4.07
CA ASN A 82 3.06 -21.87 5.34
C ASN A 82 4.17 -21.83 6.38
N PRO A 83 4.58 -20.64 6.83
CA PRO A 83 5.70 -20.58 7.79
C PRO A 83 5.42 -21.28 9.10
N ASP A 84 4.16 -21.40 9.49
CA ASP A 84 3.84 -22.05 10.75
C ASP A 84 4.12 -23.55 10.70
N LYS A 85 4.27 -24.13 9.51
CA LYS A 85 4.75 -25.49 9.38
C LYS A 85 6.00 -25.58 8.51
N ASN A 86 6.73 -24.47 8.36
CA ASN A 86 8.05 -24.44 7.75
C ASN A 86 8.06 -25.10 6.37
N CYS A 87 7.11 -24.73 5.53
CA CYS A 87 7.06 -25.28 4.18
C CYS A 87 6.44 -24.27 3.23
N ILE A 88 6.61 -24.54 1.94
CA ILE A 88 6.01 -23.76 0.87
C ILE A 88 5.40 -24.71 -0.15
N HIS A 89 4.67 -24.14 -1.10
CA HIS A 89 4.15 -24.87 -2.25
C HIS A 89 4.66 -24.23 -3.53
N THR A 90 4.83 -25.04 -4.57
CA THR A 90 5.20 -24.57 -5.90
C THR A 90 4.09 -24.89 -6.88
N ASP A 91 4.16 -24.27 -8.06
CA ASP A 91 3.17 -24.51 -9.10
C ASP A 91 3.36 -25.85 -9.80
N ASP A 92 4.32 -26.66 -9.35
CA ASP A 92 4.40 -28.06 -9.72
C ASP A 92 3.64 -28.97 -8.76
N ASP A 93 2.88 -28.39 -7.83
CA ASP A 93 2.23 -29.13 -6.74
C ASP A 93 3.23 -29.83 -5.83
N GLU A 94 4.47 -29.36 -5.82
CA GLU A 94 5.49 -29.87 -4.92
C GLU A 94 5.49 -29.09 -3.61
N LYS A 95 5.58 -29.81 -2.50
CA LYS A 95 5.68 -29.20 -1.18
C LYS A 95 7.13 -29.30 -0.71
N ILE A 96 7.68 -28.17 -0.28
CA ILE A 96 9.08 -28.11 0.14
C ILE A 96 9.12 -27.53 1.54
N SER A 97 9.77 -28.25 2.46
CA SER A 97 9.98 -27.78 3.81
C SER A 97 11.42 -27.31 3.97
N TYR A 98 11.65 -26.56 5.04
CA TYR A 98 12.94 -25.93 5.24
C TYR A 98 13.23 -25.83 6.73
N ARG A 99 14.51 -25.72 7.06
CA ARG A 99 14.92 -25.28 8.39
C ARG A 99 15.06 -23.75 8.43
N TYR A 100 15.61 -23.16 7.38
CA TYR A 100 15.73 -21.71 7.25
C TYR A 100 15.23 -21.28 5.87
N LEU A 101 14.51 -20.16 5.84
CA LEU A 101 13.90 -19.64 4.62
C LEU A 101 14.41 -18.23 4.35
N ILE A 102 14.87 -18.01 3.13
CA ILE A 102 15.31 -16.69 2.66
C ILE A 102 14.37 -16.28 1.53
N ILE A 103 13.65 -15.17 1.71
CA ILE A 103 12.69 -14.68 0.73
C ILE A 103 13.35 -13.56 -0.06
N ALA A 104 13.44 -13.76 -1.38
CA ALA A 104 14.08 -12.80 -2.29
C ALA A 104 13.27 -12.72 -3.58
N LEU A 105 11.98 -12.45 -3.46
CA LEU A 105 11.06 -12.53 -4.59
C LEU A 105 10.96 -11.24 -5.39
N GLY A 106 11.68 -10.21 -5.00
CA GLY A 106 11.65 -9.01 -5.82
C GLY A 106 10.34 -8.25 -5.73
N ILE A 107 10.14 -7.40 -6.73
CA ILE A 107 8.94 -6.59 -6.85
C ILE A 107 8.21 -7.01 -8.12
N GLN A 108 6.89 -6.81 -8.13
CA GLN A 108 6.04 -7.22 -9.24
C GLN A 108 5.66 -6.01 -10.09
N LEU A 109 5.69 -6.20 -11.41
CA LEU A 109 5.33 -5.16 -12.36
C LEU A 109 3.85 -5.28 -12.73
N ASP A 110 3.11 -4.18 -12.60
CA ASP A 110 1.67 -4.20 -12.86
C ASP A 110 1.28 -3.26 -13.98
N TYR A 111 1.82 -3.50 -15.17
CA TYR A 111 1.49 -2.67 -16.33
C TYR A 111 -0.02 -2.60 -16.55
N GLU A 112 -0.71 -3.72 -16.33
CA GLU A 112 -2.13 -3.82 -16.70
C GLU A 112 -3.02 -2.97 -15.81
N LYS A 113 -2.51 -2.43 -14.71
CA LYS A 113 -3.29 -1.45 -13.98
C LYS A 113 -3.36 -0.13 -14.71
N ILE A 114 -2.53 0.07 -15.74
CA ILE A 114 -2.68 1.19 -16.67
C ILE A 114 -3.64 0.74 -17.76
N LYS A 115 -4.76 1.42 -17.89
CA LYS A 115 -5.69 1.07 -18.95
C LYS A 115 -5.03 1.23 -20.31
N GLY A 116 -5.18 0.24 -21.18
CA GLY A 116 -4.53 0.23 -22.46
C GLY A 116 -3.17 -0.43 -22.48
N LEU A 117 -2.68 -0.91 -21.34
CA LEU A 117 -1.43 -1.66 -21.27
C LEU A 117 -1.70 -3.06 -20.73
N PRO A 118 -0.90 -4.07 -21.14
CA PRO A 118 0.29 -3.98 -22.00
C PRO A 118 -0.01 -4.06 -23.50
N GLU A 119 -1.29 -4.16 -23.85
CA GLU A 119 -1.67 -4.23 -25.25
C GLU A 119 -1.06 -3.11 -26.07
N GLY A 120 -0.95 -1.91 -25.47
CA GLY A 120 -0.48 -0.75 -26.21
C GLY A 120 0.97 -0.81 -26.63
N PHE A 121 1.76 -1.70 -26.02
CA PHE A 121 3.16 -1.84 -26.39
C PHE A 121 3.32 -2.45 -27.79
N ALA A 122 2.25 -2.94 -28.38
CA ALA A 122 2.31 -3.40 -29.77
C ALA A 122 2.42 -2.24 -30.75
N HIS A 123 2.12 -1.03 -30.31
CA HIS A 123 2.22 0.13 -31.17
C HIS A 123 3.56 0.81 -31.01
N PRO A 124 3.96 1.65 -31.96
CA PRO A 124 5.22 2.38 -31.83
C PRO A 124 5.09 3.55 -30.85
N LYS A 125 6.23 4.16 -30.57
CA LYS A 125 6.37 5.42 -29.84
C LYS A 125 6.18 5.26 -28.34
N ILE A 126 6.19 4.04 -27.81
CA ILE A 126 5.94 3.79 -26.40
C ILE A 126 6.85 2.66 -25.94
N GLY A 127 7.53 2.87 -24.82
CA GLY A 127 8.44 1.89 -24.29
C GLY A 127 8.41 1.87 -22.78
N SER A 128 9.20 0.95 -22.21
CA SER A 128 9.38 0.87 -20.77
C SER A 128 10.66 0.11 -20.49
N ASN A 129 11.62 0.77 -19.85
CA ASN A 129 12.89 0.13 -19.50
C ASN A 129 12.76 -0.89 -18.37
N TYR A 130 11.59 -1.04 -17.76
CA TYR A 130 11.45 -1.90 -16.59
C TYR A 130 11.13 -3.35 -16.95
N SER A 131 11.07 -3.69 -18.24
CA SER A 131 10.74 -5.05 -18.66
C SER A 131 11.60 -5.47 -19.84
N VAL A 132 12.03 -6.74 -19.83
CA VAL A 132 12.80 -7.28 -20.94
C VAL A 132 12.03 -7.15 -22.25
N LYS A 133 10.70 -7.18 -22.19
CA LYS A 133 9.88 -7.18 -23.39
C LYS A 133 9.58 -5.79 -23.93
N THR A 134 9.96 -4.74 -23.21
CA THR A 134 9.66 -3.38 -23.65
C THR A 134 10.86 -2.43 -23.61
N VAL A 135 12.02 -2.87 -23.10
CA VAL A 135 13.14 -1.93 -22.97
C VAL A 135 13.65 -1.52 -24.35
N GLU A 136 13.72 -2.45 -25.30
CA GLU A 136 14.18 -2.08 -26.63
C GLU A 136 13.19 -1.16 -27.32
N LYS A 137 11.90 -1.26 -26.96
CA LYS A 137 10.92 -0.36 -27.55
C LYS A 137 11.16 1.09 -27.14
N THR A 138 11.75 1.32 -25.96
CA THR A 138 12.13 2.67 -25.58
C THR A 138 13.13 3.24 -26.57
N TRP A 139 14.15 2.45 -26.93
CA TRP A 139 15.19 2.90 -27.85
C TRP A 139 14.63 3.17 -29.23
N LYS A 140 13.74 2.30 -29.72
CA LYS A 140 13.17 2.53 -31.05
C LYS A 140 12.33 3.79 -31.06
N ALA A 141 11.54 4.01 -30.01
CA ALA A 141 10.76 5.24 -29.93
C ALA A 141 11.66 6.46 -29.86
N LEU A 142 12.77 6.35 -29.12
CA LEU A 142 13.72 7.45 -29.05
C LEU A 142 14.36 7.70 -30.42
N GLN A 143 14.77 6.62 -31.09
CA GLN A 143 15.31 6.76 -32.45
C GLN A 143 14.30 7.42 -33.37
N ASP A 144 13.10 6.84 -33.46
CA ASP A 144 12.07 7.27 -34.40
C ASP A 144 11.37 8.57 -34.00
N PHE A 145 11.74 9.19 -32.89
CA PHE A 145 11.15 10.46 -32.52
C PHE A 145 11.46 11.52 -33.57
N LYS A 146 10.42 12.23 -34.02
CA LYS A 146 10.60 13.34 -34.96
C LYS A 146 10.16 14.67 -34.36
N GLU A 147 8.91 14.79 -33.91
CA GLU A 147 8.44 16.05 -33.35
C GLU A 147 7.27 15.82 -32.41
N GLY A 148 7.28 16.51 -31.28
CA GLY A 148 6.15 16.48 -30.37
C GLY A 148 6.58 16.39 -28.92
N ASN A 149 5.69 15.82 -28.10
CA ASN A 149 5.96 15.65 -26.67
C ASN A 149 6.70 14.34 -26.42
N ALA A 150 7.72 14.40 -25.57
CA ALA A 150 8.42 13.22 -25.06
C ALA A 150 8.10 13.14 -23.57
N ILE A 151 7.31 12.15 -23.17
CA ILE A 151 6.71 12.10 -21.85
C ILE A 151 7.27 10.91 -21.08
N PHE A 152 7.56 11.14 -19.80
CA PHE A 152 8.14 10.14 -18.90
C PHE A 152 7.35 10.13 -17.62
N THR A 153 7.00 8.93 -17.13
CA THR A 153 6.04 8.78 -16.04
C THR A 153 6.71 8.17 -14.81
N PHE A 154 6.10 8.43 -13.65
CA PHE A 154 6.48 7.85 -12.36
C PHE A 154 5.18 7.51 -11.63
N PRO A 155 4.98 6.26 -11.24
CA PRO A 155 3.67 5.83 -10.74
C PRO A 155 3.47 6.21 -9.28
N ASN A 156 2.27 5.92 -8.79
CA ASN A 156 1.86 6.23 -7.42
C ASN A 156 2.04 5.04 -6.48
N THR A 157 3.06 4.22 -6.70
CA THR A 157 3.35 3.06 -5.89
C THR A 157 4.82 3.10 -5.49
N PRO A 158 5.23 2.19 -4.62
CA PRO A 158 6.67 1.93 -4.47
C PRO A 158 7.24 1.43 -5.79
N VAL A 159 8.54 1.67 -5.98
CA VAL A 159 9.23 1.27 -7.20
C VAL A 159 10.62 0.80 -6.83
N LYS A 160 11.25 0.05 -7.74
CA LYS A 160 12.67 -0.22 -7.63
C LYS A 160 13.40 0.83 -8.48
N ALA A 162 14.30 4.37 -8.02
CA ALA A 162 13.51 5.58 -8.21
C ALA A 162 14.18 6.53 -9.19
N GLY A 163 15.47 6.32 -9.45
CA GLY A 163 16.19 7.20 -10.35
C GLY A 163 16.02 6.89 -11.83
N ALA A 164 15.65 5.65 -12.16
CA ALA A 164 15.60 5.19 -13.55
C ALA A 164 14.50 5.87 -14.37
N PRO A 165 13.36 6.22 -13.78
CA PRO A 165 12.33 6.91 -14.57
C PRO A 165 12.77 8.25 -15.14
N GLN A 166 13.72 8.93 -14.50
CA GLN A 166 14.22 10.20 -15.03
C GLN A 166 15.57 10.07 -15.71
N GLU A 167 16.39 9.09 -15.31
CA GLU A 167 17.62 8.83 -16.05
C GLU A 167 17.36 8.75 -17.55
N ILE A 168 16.29 8.07 -17.94
CA ILE A 168 16.00 7.89 -19.36
C ILE A 168 15.54 9.19 -19.98
N MET A 169 15.00 10.11 -19.19
CA MET A 169 14.66 11.43 -19.71
C MET A 169 15.93 12.20 -20.05
N TYR A 170 16.89 12.26 -19.12
CA TYR A 170 18.14 12.96 -19.38
C TYR A 170 18.86 12.36 -20.58
N LEU A 171 18.86 11.04 -20.70
CA LEU A 171 19.47 10.39 -21.86
C LEU A 171 18.69 10.75 -23.12
N SER A 172 17.36 10.81 -23.03
CA SER A 172 16.55 11.18 -24.18
C SER A 172 16.82 12.62 -24.58
N GLU A 173 16.89 13.52 -23.60
CA GLU A 173 17.24 14.91 -23.89
C GLU A 173 18.59 15.00 -24.61
N ALA A 174 19.58 14.25 -24.12
CA ALA A 174 20.90 14.29 -24.75
C ALA A 174 20.89 13.68 -26.14
N TYR A 175 20.06 12.66 -26.36
CA TYR A 175 19.98 12.08 -27.69
C TYR A 175 19.43 13.09 -28.69
N PHE A 176 18.45 13.88 -28.26
CA PHE A 176 17.87 14.88 -29.16
C PHE A 176 18.90 15.94 -29.55
N ARG A 177 19.74 16.36 -28.60
CA ARG A 177 20.76 17.36 -28.90
C ARG A 177 21.77 16.83 -29.90
N LYS A 178 22.33 15.64 -29.63
CA LYS A 178 23.32 15.07 -30.53
C LYS A 178 22.74 14.77 -31.91
N THR A 179 21.42 14.64 -32.03
CA THR A 179 20.77 14.39 -33.31
C THR A 179 20.10 15.64 -33.88
N GLY A 180 20.29 16.79 -33.25
CA GLY A 180 19.81 18.05 -33.79
C GLY A 180 18.32 18.31 -33.69
N LYS A 181 17.54 17.41 -33.09
CA LYS A 181 16.10 17.58 -32.99
C LYS A 181 15.65 17.98 -31.58
N ARG A 182 16.54 18.58 -30.79
CA ARG A 182 16.13 19.06 -29.47
C ARG A 182 15.10 20.17 -29.58
N SER A 183 15.24 21.02 -30.59
CA SER A 183 14.28 22.09 -30.86
C SER A 183 12.87 21.55 -31.01
N LYS A 184 12.72 20.33 -31.50
CA LYS A 184 11.41 19.79 -31.86
C LYS A 184 10.78 18.95 -30.76
N ALA A 185 11.45 18.83 -29.61
CA ALA A 185 10.99 17.97 -28.53
C ALA A 185 10.58 18.81 -27.33
N ASN A 186 9.36 18.60 -26.85
CA ASN A 186 8.87 19.15 -25.59
C ASN A 186 8.89 18.03 -24.55
N ILE A 187 9.80 18.11 -23.59
CA ILE A 187 10.12 16.99 -22.70
C ILE A 187 9.40 17.19 -21.38
N ILE A 188 8.60 16.18 -21.00
CA ILE A 188 7.72 16.24 -19.84
C ILE A 188 8.00 15.05 -18.93
N PHE A 189 8.16 15.32 -17.64
CA PHE A 189 8.24 14.31 -16.59
C PHE A 189 7.00 14.46 -15.73
N ASN A 190 6.04 13.53 -15.87
CA ASN A 190 4.81 13.51 -15.08
C ASN A 190 4.97 12.48 -13.96
N THR A 191 5.22 12.96 -12.75
CA THR A 191 5.55 12.11 -11.61
C THR A 191 4.45 12.19 -10.55
N SER A 192 4.09 11.02 -10.00
CA SER A 192 3.12 10.99 -8.91
C SER A 192 3.66 11.65 -7.65
N LEU A 193 4.97 11.80 -7.55
CA LEU A 193 5.55 12.32 -6.32
C LEU A 193 5.52 13.85 -6.34
N GLY A 194 5.81 14.43 -5.18
CA GLY A 194 5.90 15.86 -5.01
C GLY A 194 7.30 16.42 -5.08
N ALA A 195 8.30 15.59 -5.34
CA ALA A 195 9.69 16.04 -5.42
C ALA A 195 10.44 15.20 -6.43
N ILE A 196 11.49 15.80 -7.02
CA ILE A 196 12.27 15.12 -8.04
C ILE A 196 13.11 14.00 -7.43
N PHE A 197 13.47 14.11 -6.15
CA PHE A 197 14.28 13.11 -5.49
C PHE A 197 14.17 13.34 -3.98
N GLY A 198 14.31 12.25 -3.22
CA GLY A 198 14.11 12.29 -1.79
C GLY A 198 15.28 12.71 -0.95
N VAL A 199 16.45 12.88 -1.56
CA VAL A 199 17.67 13.31 -0.86
C VAL A 199 18.08 14.66 -1.41
N LYS A 200 18.13 15.67 -0.54
CA LYS A 200 18.23 17.05 -0.98
C LYS A 200 19.50 17.31 -1.78
N LYS A 201 20.64 16.80 -1.28
CA LYS A 201 21.91 17.06 -1.96
C LYS A 201 21.86 16.65 -3.42
N TYR A 202 21.10 15.61 -3.74
CA TYR A 202 20.98 15.17 -5.12
C TYR A 202 19.76 15.75 -5.81
N ALA A 203 18.67 15.96 -5.08
CA ALA A 203 17.53 16.68 -5.64
C ALA A 203 17.95 18.06 -6.14
N ASP A 204 18.80 18.75 -5.37
CA ASP A 204 19.31 20.04 -5.80
C ASP A 204 20.07 19.93 -7.12
N ALA A 205 20.95 18.92 -7.23
CA ALA A 205 21.75 18.77 -8.44
C ALA A 205 20.87 18.48 -9.65
N LEU A 206 19.86 17.63 -9.50
CA LEU A 206 19.00 17.30 -10.63
C LEU A 206 18.14 18.49 -11.03
N GLN A 207 17.68 19.28 -10.06
CA GLN A 207 16.91 20.47 -10.39
C GLN A 207 17.71 21.42 -11.27
N GLU A 208 19.01 21.56 -10.98
CA GLU A 208 19.87 22.37 -11.84
C GLU A 208 19.87 21.85 -13.27
N ILE A 209 19.85 20.53 -13.43
CA ILE A 209 19.80 19.95 -14.77
C ILE A 209 18.44 20.20 -15.41
N ILE A 210 17.36 20.10 -14.63
CA ILE A 210 16.03 20.37 -15.15
C ILE A 210 15.95 21.80 -15.68
N GLN A 211 16.56 22.75 -14.97
CA GLN A 211 16.49 24.15 -15.39
C GLN A 211 17.34 24.39 -16.63
N GLU A 212 18.62 23.97 -16.60
CA GLU A 212 19.53 24.27 -17.68
C GLU A 212 19.18 23.54 -18.98
N ARG A 213 18.34 22.51 -18.94
CA ARG A 213 18.02 21.71 -20.11
C ARG A 213 16.55 21.79 -20.50
N ASN A 214 15.83 22.79 -19.99
CA ASN A 214 14.47 23.09 -20.42
C ASN A 214 13.55 21.88 -20.32
N LEU A 215 13.55 21.25 -19.14
CA LEU A 215 12.68 20.12 -18.86
C LEU A 215 11.48 20.59 -18.07
N THR A 216 10.32 20.03 -18.36
CA THR A 216 9.10 20.30 -17.61
C THR A 216 8.81 19.14 -16.66
N VAL A 217 8.58 19.45 -15.39
CA VAL A 217 8.18 18.46 -14.40
C VAL A 217 6.85 18.88 -13.80
N ASN A 218 5.84 18.04 -13.93
CA ASN A 218 4.52 18.24 -13.35
C ASN A 218 4.35 17.26 -12.20
N TYR A 219 4.27 17.79 -10.99
CA TYR A 219 4.26 16.95 -9.79
C TYR A 219 2.83 16.51 -9.46
N LYS A 220 2.74 15.35 -8.80
CA LYS A 220 1.47 14.76 -8.41
C LYS A 220 0.55 14.52 -9.61
N LYS A 221 1.15 14.10 -10.73
CA LYS A 221 0.41 13.71 -11.93
C LYS A 221 0.77 12.27 -12.25
N ASN A 222 -0.23 11.39 -12.27
CA ASN A 222 -0.04 9.95 -12.37
C ASN A 222 -0.71 9.41 -13.63
N LEU A 223 0.03 8.58 -14.38
CA LEU A 223 -0.51 7.98 -15.60
C LEU A 223 -1.55 6.92 -15.24
N ILE A 224 -2.75 7.08 -15.81
CA ILE A 224 -3.82 6.11 -15.60
C ILE A 224 -4.25 5.40 -16.88
N GLU A 225 -4.00 5.97 -18.05
CA GLU A 225 -4.47 5.34 -19.27
C GLU A 225 -3.56 5.70 -20.43
N VAL A 226 -3.38 4.74 -21.33
CA VAL A 226 -2.62 4.93 -22.55
C VAL A 226 -3.52 4.53 -23.72
N ARG A 227 -3.74 5.46 -24.65
CA ARG A 227 -4.42 5.15 -25.91
C ARG A 227 -3.35 5.07 -26.99
N ALA A 228 -2.63 3.94 -26.99
CA ALA A 228 -1.56 3.75 -27.98
C ALA A 228 -2.08 3.92 -29.39
N ASP A 229 -3.34 3.56 -29.63
CA ASP A 229 -3.93 3.86 -30.91
C ASP A 229 -3.67 5.33 -31.33
N LYS A 230 -4.06 6.26 -30.46
CA LYS A 230 -4.04 7.68 -30.83
C LYS A 230 -2.81 8.41 -30.32
N GLN A 231 -1.84 7.68 -29.79
CA GLN A 231 -0.67 8.28 -29.16
C GLN A 231 -1.10 9.36 -28.16
N GLU A 232 -2.12 9.03 -27.37
CA GLU A 232 -2.60 9.88 -26.29
C GLU A 232 -2.38 9.17 -24.96
N ALA A 233 -2.12 9.96 -23.93
CA ALA A 233 -1.94 9.45 -22.58
C ALA A 233 -2.79 10.29 -21.63
N VAL A 234 -3.51 9.62 -20.73
CA VAL A 234 -4.34 10.26 -19.73
C VAL A 234 -3.61 10.22 -18.40
N PHE A 235 -3.47 11.37 -17.75
CA PHE A 235 -2.88 11.51 -16.44
C PHE A 235 -3.92 12.03 -15.46
N GLU A 236 -3.91 11.51 -14.24
CA GLU A 236 -4.78 11.98 -13.17
C GLU A 236 -4.01 12.94 -12.28
N ASN A 237 -4.69 13.98 -11.81
CA ASN A 237 -4.11 14.92 -10.87
C ASN A 237 -4.40 14.42 -9.46
N LEU A 238 -3.36 13.91 -8.80
CA LEU A 238 -3.55 13.34 -7.46
C LEU A 238 -3.97 14.40 -6.45
N ASP A 239 -3.68 15.67 -6.70
CA ASP A 239 -4.05 16.72 -5.76
C ASP A 239 -5.48 17.19 -5.93
N LYS A 240 -6.13 16.88 -7.06
CA LYS A 240 -7.50 17.27 -7.33
C LYS A 240 -8.27 16.07 -7.84
N PRO A 241 -8.71 15.19 -6.94
CA PRO A 241 -9.45 13.99 -7.33
C PRO A 241 -10.53 14.28 -8.35
N GLY A 242 -10.56 13.45 -9.40
CA GLY A 242 -11.51 13.57 -10.48
C GLY A 242 -10.96 14.23 -11.71
N GLU A 243 -9.98 15.13 -11.56
CA GLU A 243 -9.44 15.85 -12.70
C GLU A 243 -8.44 14.98 -13.45
N THR A 244 -8.63 14.87 -14.76
CA THR A 244 -7.73 14.11 -15.63
C THR A 244 -7.31 14.99 -16.80
N GLN A 245 -6.22 14.59 -17.44
CA GLN A 245 -5.60 15.39 -18.50
C GLN A 245 -5.15 14.45 -19.61
N VAL A 246 -5.61 14.72 -20.83
CA VAL A 246 -5.22 13.96 -22.03
C VAL A 246 -4.16 14.77 -22.76
N ILE A 247 -3.05 14.12 -23.12
CA ILE A 247 -1.93 14.79 -23.76
C ILE A 247 -1.34 13.88 -24.82
N SER A 248 -1.09 14.44 -26.00
CA SER A 248 -0.43 13.71 -27.08
C SER A 248 1.04 13.47 -26.75
N TYR A 249 1.61 12.43 -27.36
CA TYR A 249 3.03 12.17 -27.23
C TYR A 249 3.61 11.67 -28.55
N GLU A 250 4.82 12.11 -28.85
CA GLU A 250 5.64 11.51 -29.89
C GLU A 250 6.53 10.39 -29.34
N MET A 251 6.79 10.40 -28.04
CA MET A 251 7.33 9.23 -27.37
C MET A 251 6.89 9.27 -25.91
N LEU A 252 6.62 8.07 -25.38
CA LEU A 252 6.17 7.89 -24.01
C LEU A 252 6.96 6.76 -23.39
N HIS A 253 7.59 7.02 -22.25
CA HIS A 253 8.24 5.99 -21.45
C HIS A 253 7.42 5.76 -20.19
N VAL A 254 6.98 4.53 -19.99
CA VAL A 254 6.07 4.17 -18.90
C VAL A 254 6.88 3.49 -17.80
N THR A 255 6.79 4.03 -16.58
CA THR A 255 7.27 3.33 -15.40
C THR A 255 6.06 2.68 -14.74
N PRO A 256 5.94 1.35 -14.75
CA PRO A 256 4.67 0.74 -14.38
C PRO A 256 4.40 0.88 -12.88
N PRO A 257 3.13 0.89 -12.49
CA PRO A 257 2.81 0.62 -11.08
C PRO A 257 3.45 -0.70 -10.68
N MET A 258 3.86 -0.77 -9.42
CA MET A 258 4.57 -1.93 -8.88
C MET A 258 4.03 -2.29 -7.51
N SER A 259 4.16 -3.55 -7.15
CA SER A 259 3.52 -4.08 -5.95
C SER A 259 4.33 -5.28 -5.47
N PRO A 260 4.05 -5.76 -4.26
CA PRO A 260 4.68 -7.01 -3.82
C PRO A 260 4.22 -8.17 -4.70
N PRO A 261 5.10 -9.15 -4.91
CA PRO A 261 4.66 -10.34 -5.66
C PRO A 261 3.34 -10.86 -5.12
N ASP A 262 2.47 -11.29 -6.04
CA ASP A 262 1.12 -11.71 -5.67
C ASP A 262 1.14 -12.75 -4.56
N VAL A 263 2.08 -13.71 -4.61
CA VAL A 263 2.08 -14.79 -3.64
C VAL A 263 2.32 -14.26 -2.23
N LEU A 264 3.01 -13.13 -2.11
CA LEU A 264 3.29 -12.55 -0.80
C LEU A 264 2.16 -11.67 -0.29
N LYS A 265 1.35 -11.11 -1.19
CA LYS A 265 0.33 -10.15 -0.77
C LYS A 265 -0.56 -10.73 0.33
N THR A 266 -0.94 -12.01 0.22
CA THR A 266 -1.85 -12.65 1.16
C THR A 266 -1.13 -13.62 2.09
N SER A 267 0.20 -13.51 2.18
CA SER A 267 0.93 -14.51 2.95
C SER A 267 1.08 -14.08 4.40
N PRO A 268 1.12 -15.04 5.33
CA PRO A 268 1.39 -14.69 6.73
C PRO A 268 2.74 -14.01 6.92
N VAL A 269 3.68 -14.18 6.00
CA VAL A 269 4.98 -13.55 6.16
C VAL A 269 4.98 -12.08 5.78
N ALA A 270 3.90 -11.59 5.15
CA ALA A 270 3.82 -10.21 4.75
C ALA A 270 3.28 -9.34 5.89
N ASP A 271 3.65 -8.07 5.88
CA ASP A 271 3.00 -7.07 6.69
C ASP A 271 1.63 -6.75 6.08
N ALA A 272 0.93 -5.76 6.65
CA ALA A 272 -0.40 -5.45 6.14
C ALA A 272 -0.38 -5.03 4.67
N ALA A 273 0.75 -4.51 4.17
CA ALA A 273 0.87 -4.00 2.81
C ALA A 273 1.35 -5.05 1.82
N GLY A 274 1.70 -6.25 2.26
CA GLY A 274 2.15 -7.30 1.37
C GLY A 274 3.65 -7.52 1.33
N TRP A 275 4.43 -6.67 1.98
CA TRP A 275 5.88 -6.80 1.98
C TRP A 275 6.35 -7.73 3.09
N VAL A 276 7.46 -8.42 2.85
CA VAL A 276 7.98 -9.35 3.84
C VAL A 276 8.36 -8.55 5.08
N ASP A 277 7.79 -8.94 6.22
CA ASP A 277 7.79 -8.13 7.44
C ASP A 277 8.99 -8.53 8.30
N VAL A 278 10.09 -7.77 8.15
CA VAL A 278 11.35 -8.14 8.80
C VAL A 278 11.84 -7.02 9.71
N ASP A 279 12.68 -7.42 10.67
CA ASP A 279 13.44 -6.47 11.49
C ASP A 279 14.26 -5.55 10.59
N LYS A 280 14.13 -4.25 10.81
CA LYS A 280 14.78 -3.30 9.92
C LYS A 280 16.29 -3.23 10.14
N GLU A 281 16.81 -3.84 11.19
CA GLU A 281 18.24 -3.89 11.44
C GLU A 281 18.89 -5.20 11.00
N THR A 282 18.26 -6.33 11.29
CA THR A 282 18.89 -7.63 11.10
C THR A 282 18.34 -8.40 9.91
N LEU A 283 17.17 -8.05 9.41
CA LEU A 283 16.48 -8.70 8.29
C LEU A 283 15.94 -10.07 8.66
N GLN A 284 15.91 -10.42 9.94
CA GLN A 284 15.17 -11.58 10.41
C GLN A 284 13.69 -11.21 10.46
N HIS A 285 12.84 -12.18 10.14
CA HIS A 285 11.41 -11.91 10.15
C HIS A 285 10.94 -11.56 11.56
N ARG A 286 9.94 -10.67 11.63
CA ARG A 286 9.47 -10.17 12.91
C ARG A 286 8.73 -11.23 13.72
N ARG A 287 8.06 -12.17 13.06
CA ARG A 287 7.22 -13.14 13.74
C ARG A 287 7.63 -14.60 13.54
N TYR A 288 8.41 -14.89 12.50
CA TYR A 288 8.86 -16.26 12.24
C TYR A 288 10.37 -16.29 12.27
N PRO A 289 10.98 -16.74 13.37
CA PRO A 289 12.42 -16.48 13.58
C PRO A 289 13.33 -17.23 12.65
N ASN A 290 12.84 -18.24 11.93
CA ASN A 290 13.62 -18.95 10.94
C ASN A 290 13.35 -18.48 9.51
N VAL A 291 12.78 -17.29 9.36
CA VAL A 291 12.49 -16.71 8.06
C VAL A 291 13.25 -15.40 7.95
N PHE A 292 13.76 -15.13 6.75
CA PHE A 292 14.57 -13.94 6.48
C PHE A 292 14.16 -13.37 5.13
N GLY A 293 14.37 -12.08 4.96
CA GLY A 293 14.04 -11.41 3.71
C GLY A 293 15.16 -10.51 3.25
N ILE A 294 15.22 -10.29 1.93
CA ILE A 294 16.22 -9.41 1.34
C ILE A 294 15.66 -8.82 0.06
N GLY A 295 16.05 -7.57 -0.22
CA GLY A 295 15.79 -7.00 -1.52
C GLY A 295 14.40 -6.37 -1.63
N ASP A 296 13.92 -6.30 -2.89
CA ASP A 296 12.76 -5.48 -3.19
C ASP A 296 11.49 -5.98 -2.50
N CYS A 297 11.42 -7.26 -2.15
CA CYS A 297 10.18 -7.78 -1.60
C CYS A 297 9.99 -7.45 -0.12
N THR A 298 10.98 -6.85 0.54
CA THR A 298 10.92 -6.57 1.97
C THR A 298 10.22 -5.23 2.24
N ASN A 299 9.89 -4.99 3.51
CA ASN A 299 9.43 -3.68 3.95
C ASN A 299 10.55 -2.86 4.56
N LEU A 300 11.80 -3.19 4.25
CA LEU A 300 12.92 -2.35 4.62
C LEU A 300 12.66 -0.93 4.08
N PRO A 301 12.56 0.08 4.95
CA PRO A 301 12.18 1.42 4.45
C PRO A 301 13.36 2.19 3.86
N THR A 302 13.86 1.69 2.74
CA THR A 302 14.89 2.38 1.98
C THR A 302 14.61 2.17 0.51
N SER A 303 15.33 2.90 -0.34
CA SER A 303 15.14 2.75 -1.77
C SER A 303 15.50 1.34 -2.19
N LYS A 304 14.63 0.73 -3.00
CA LYS A 304 14.80 -0.65 -3.44
C LYS A 304 15.78 -0.66 -4.61
N THR A 305 17.03 -1.03 -4.33
CA THR A 305 18.07 -1.07 -5.33
C THR A 305 18.87 -2.36 -5.18
N ALA A 306 19.65 -2.66 -6.22
CA ALA A 306 20.58 -3.77 -6.16
C ALA A 306 21.77 -3.45 -5.24
N ALA A 307 22.19 -2.18 -5.21
CA ALA A 307 23.21 -1.77 -4.25
C ALA A 307 22.73 -2.01 -2.82
N ALA A 308 21.46 -1.71 -2.54
CA ALA A 308 20.88 -2.03 -1.24
C ALA A 308 20.94 -3.53 -0.96
N VAL A 309 20.62 -4.33 -1.99
CA VAL A 309 20.66 -5.79 -1.82
C VAL A 309 22.04 -6.24 -1.34
N ALA A 310 23.10 -5.71 -1.97
CA ALA A 310 24.45 -6.13 -1.60
C ALA A 310 24.79 -5.78 -0.17
N ALA A 311 24.43 -4.56 0.27
CA ALA A 311 24.63 -4.20 1.66
C ALA A 311 23.81 -5.10 2.57
N GLN A 312 22.55 -5.36 2.21
CA GLN A 312 21.72 -6.25 3.01
C GLN A 312 22.32 -7.65 3.10
N SER A 313 22.89 -8.15 1.98
CA SER A 313 23.40 -9.52 1.98
C SER A 313 24.54 -9.70 2.99
N GLY A 314 25.36 -8.68 3.17
CA GLY A 314 26.40 -8.78 4.19
C GLY A 314 25.82 -8.85 5.59
N ILE A 315 24.77 -8.06 5.84
CA ILE A 315 24.12 -8.08 7.14
C ILE A 315 23.43 -9.42 7.37
N LEU A 316 22.60 -9.84 6.41
CA LEU A 316 21.84 -11.07 6.57
C LEU A 316 22.75 -12.28 6.76
N ASP A 317 23.88 -12.31 6.05
CA ASP A 317 24.87 -13.37 6.24
C ASP A 317 25.26 -13.48 7.71
N ARG A 318 25.51 -12.34 8.36
CA ARG A 318 25.89 -12.36 9.76
C ARG A 318 24.70 -12.68 10.66
N THR A 319 23.50 -12.16 10.31
CA THR A 319 22.33 -12.48 11.11
C THR A 319 22.08 -13.98 11.16
N ILE A 320 22.05 -14.62 9.98
CA ILE A 320 21.70 -16.04 9.92
C ILE A 320 22.72 -16.87 10.69
N SER A 321 24.02 -16.64 10.43
CA SER A 321 25.06 -17.39 11.10
C SER A 321 24.91 -17.30 12.62
N VAL A 322 24.61 -16.10 13.14
CA VAL A 322 24.48 -15.94 14.57
C VAL A 322 23.26 -16.69 15.09
N ILE A 323 22.15 -16.67 14.34
CA ILE A 323 20.97 -17.39 14.79
C ILE A 323 21.23 -18.90 14.75
N MET A 324 22.02 -19.38 13.78
CA MET A 324 22.31 -20.81 13.73
C MET A 324 23.04 -21.29 14.97
N LYS A 325 23.78 -20.39 15.64
CA LYS A 325 24.39 -20.66 16.93
C LYS A 325 23.50 -20.26 18.09
N ASN A 326 22.22 -19.96 17.80
CA ASN A 326 21.27 -19.50 18.80
C ASN A 326 21.85 -18.36 19.64
N GLN A 327 22.50 -17.42 18.98
CA GLN A 327 22.96 -16.18 19.57
C GLN A 327 22.12 -15.03 19.03
N THR A 328 22.36 -13.84 19.56
CA THR A 328 21.57 -12.67 19.19
C THR A 328 22.33 -11.83 18.18
N PRO A 329 21.71 -11.39 17.07
CA PRO A 329 22.45 -10.55 16.12
C PRO A 329 22.89 -9.24 16.74
N THR A 330 24.07 -8.76 16.30
CA THR A 330 24.61 -7.48 16.73
C THR A 330 24.84 -6.49 15.60
N LYS A 331 25.07 -6.96 14.37
CA LYS A 331 25.32 -6.07 13.25
C LYS A 331 23.99 -5.57 12.71
N LYS A 332 23.89 -4.26 12.50
CA LYS A 332 22.64 -3.61 12.18
C LYS A 332 22.74 -2.92 10.83
N TYR A 333 21.73 -3.13 9.99
CA TYR A 333 21.67 -2.54 8.66
C TYR A 333 21.32 -1.07 8.76
N ASP A 334 22.03 -0.24 8.00
CA ASP A 334 21.87 1.21 8.06
C ASP A 334 21.00 1.78 6.96
N GLY A 335 20.34 0.92 6.17
CA GLY A 335 19.55 1.40 5.07
C GLY A 335 20.35 1.82 3.86
N TYR A 336 21.62 1.42 3.77
CA TYR A 336 22.43 1.82 2.64
C TYR A 336 21.77 1.42 1.33
N THR A 337 21.82 2.31 0.37
CA THR A 337 21.21 2.12 -0.93
C THR A 337 21.83 3.14 -1.86
N SER A 338 21.72 2.90 -3.16
CA SER A 338 22.40 3.76 -4.12
C SER A 338 21.70 3.73 -5.47
N CYS A 339 21.49 4.91 -6.05
CA CYS A 339 20.97 5.09 -7.40
C CYS A 339 22.00 5.89 -8.20
N PRO A 340 22.90 5.23 -8.93
CA PRO A 340 23.79 5.99 -9.83
C PRO A 340 23.01 6.59 -10.97
N LEU A 341 22.64 7.87 -10.86
CA LEU A 341 21.77 8.50 -11.85
C LEU A 341 22.58 8.82 -13.10
N VAL A 342 22.26 8.15 -14.20
CA VAL A 342 22.82 8.51 -15.49
C VAL A 342 22.15 9.79 -15.98
N THR A 343 22.94 10.85 -16.12
CA THR A 343 22.45 12.16 -16.55
C THR A 343 22.80 12.46 -18.01
N GLY A 344 23.54 11.57 -18.66
CA GLY A 344 23.89 11.72 -20.05
C GLY A 344 24.73 10.53 -20.47
N TYR A 345 25.01 10.48 -21.77
CA TYR A 345 25.76 9.35 -22.31
C TYR A 345 27.19 9.25 -21.78
N ASN A 346 27.62 10.18 -20.92
CA ASN A 346 28.98 10.10 -20.35
C ASN A 346 29.07 10.60 -18.92
N ARG A 347 27.95 10.76 -18.21
CA ARG A 347 27.95 11.36 -16.88
C ARG A 347 27.02 10.61 -15.96
N VAL A 348 27.39 10.53 -14.69
CA VAL A 348 26.54 9.93 -13.66
C VAL A 348 26.66 10.75 -12.39
N ILE A 349 25.52 11.01 -11.74
CA ILE A 349 25.46 11.51 -10.37
C ILE A 349 25.26 10.29 -9.48
N LEU A 350 26.28 9.93 -8.71
CA LEU A 350 26.24 8.73 -7.89
C LEU A 350 25.59 9.06 -6.55
N ALA A 351 24.28 8.88 -6.47
CA ALA A 351 23.56 9.07 -5.22
C ALA A 351 23.73 7.84 -4.34
N GLU A 352 24.27 8.03 -3.13
CA GLU A 352 24.34 7.01 -2.10
C GLU A 352 23.77 7.61 -0.82
N PHE A 353 22.90 6.88 -0.14
CA PHE A 353 22.25 7.41 1.05
C PHE A 353 21.75 6.25 1.91
N ASP A 354 21.15 6.61 3.05
CA ASP A 354 20.86 5.64 4.10
C ASP A 354 19.43 5.76 4.62
N TYR A 355 19.13 5.08 5.72
CA TYR A 355 17.79 5.12 6.30
C TYR A 355 17.35 6.54 6.61
N LYS A 356 18.28 7.43 6.95
CA LYS A 356 17.91 8.80 7.29
C LYS A 356 17.72 9.68 6.06
N ALA A 357 17.87 9.12 4.86
CA ALA A 357 17.77 9.88 3.61
C ALA A 357 18.83 10.97 3.55
N GLU A 358 19.97 10.73 4.19
CA GLU A 358 21.12 11.62 4.12
C GLU A 358 22.22 10.98 3.29
N PRO A 359 23.00 11.78 2.56
CA PRO A 359 24.10 11.21 1.77
C PRO A 359 25.03 10.33 2.60
N LEU A 360 25.51 9.25 1.97
CA LEU A 360 26.48 8.33 2.57
C LEU A 360 27.43 7.91 1.45
N GLU A 361 28.28 8.84 1.05
CA GLU A 361 29.06 8.66 -0.18
C GLU A 361 30.31 7.83 0.07
N THR A 362 30.63 6.96 -0.90
CA THR A 362 31.80 6.11 -0.76
C THR A 362 33.08 6.87 -1.07
N PHE A 363 33.02 7.77 -2.00
CA PHE A 363 34.21 8.47 -2.45
C PHE A 363 34.30 9.84 -1.81
N PRO A 364 35.52 10.32 -1.51
CA PRO A 364 35.65 11.57 -0.77
C PRO A 364 35.23 12.81 -1.56
N PHE A 365 35.24 12.75 -2.89
CA PHE A 365 34.82 13.90 -3.68
C PHE A 365 33.29 13.98 -3.72
N ASP A 366 32.80 15.11 -4.21
CA ASP A 366 31.38 15.42 -4.20
C ASP A 366 30.70 14.66 -5.34
N GLN A 367 29.87 13.67 -4.99
CA GLN A 367 29.22 12.84 -5.99
C GLN A 367 27.95 13.47 -6.56
N SER A 368 27.49 14.60 -6.01
CA SER A 368 26.34 15.28 -6.59
C SER A 368 26.66 15.95 -7.93
N LYS A 369 27.94 16.03 -8.29
CA LYS A 369 28.33 16.56 -9.58
C LYS A 369 28.35 15.43 -10.61
N GLU A 370 27.86 15.74 -11.81
CA GLU A 370 28.01 14.82 -12.94
C GLU A 370 29.48 14.47 -13.15
N ARG A 371 29.75 13.18 -13.33
CA ARG A 371 31.13 12.73 -13.48
C ARG A 371 31.24 11.63 -14.53
N LEU A 372 32.29 11.73 -15.34
CA LEU A 372 32.62 10.64 -16.25
C LEU A 372 33.12 9.41 -15.49
N SER A 373 33.95 9.62 -14.47
CA SER A 373 34.45 8.49 -13.71
C SER A 373 33.31 7.61 -13.21
N MET A 374 32.24 8.24 -12.71
CA MET A 374 31.11 7.49 -12.17
C MET A 374 30.27 6.88 -13.28
N TYR A 375 30.24 7.49 -14.45
CA TYR A 375 29.59 6.83 -15.58
C TYR A 375 30.30 5.53 -15.94
N LEU A 376 31.63 5.60 -16.08
CA LEU A 376 32.39 4.40 -16.44
C LEU A 376 32.21 3.32 -15.38
N MET A 377 32.25 3.70 -14.10
CA MET A 377 32.04 2.71 -13.05
C MET A 377 30.71 1.98 -13.24
N LYS A 378 29.64 2.73 -13.50
CA LYS A 378 28.34 2.09 -13.64
C LYS A 378 28.24 1.28 -14.92
N ALA A 379 28.68 1.85 -16.04
CA ALA A 379 28.44 1.21 -17.33
C ALA A 379 29.39 0.05 -17.60
N ASP A 380 30.60 0.09 -17.04
CA ASP A 380 31.63 -0.87 -17.41
C ASP A 380 32.15 -1.70 -16.25
N LEU A 381 32.35 -1.10 -15.08
CA LEU A 381 32.94 -1.85 -13.97
C LEU A 381 31.89 -2.65 -13.22
N MET A 382 30.75 -2.03 -12.91
CA MET A 382 29.80 -2.62 -11.97
C MET A 382 29.16 -3.89 -12.52
N PRO A 383 28.81 -3.93 -13.81
CA PRO A 383 28.32 -5.22 -14.35
C PRO A 383 29.32 -6.34 -14.21
N PHE A 384 30.60 -6.06 -14.48
CA PHE A 384 31.62 -7.10 -14.33
C PHE A 384 31.68 -7.59 -12.88
N LEU A 385 31.72 -6.66 -11.92
CA LEU A 385 31.77 -7.03 -10.52
C LEU A 385 30.46 -7.64 -10.03
N TYR A 386 29.35 -7.40 -10.73
CA TYR A 386 28.09 -8.02 -10.34
C TYR A 386 28.09 -9.50 -10.66
N TRP A 387 28.42 -9.86 -11.91
CA TRP A 387 28.45 -11.25 -12.30
C TRP A 387 29.53 -12.02 -11.54
N ASN A 388 30.70 -11.40 -11.34
CA ASN A 388 31.88 -12.14 -10.91
C ASN A 388 32.18 -11.98 -9.43
N MET A 389 31.57 -11.02 -8.75
CA MET A 389 31.86 -10.82 -7.34
C MET A 389 30.59 -10.84 -6.51
N MET A 390 29.60 -10.01 -6.86
CA MET A 390 28.39 -9.95 -6.06
C MET A 390 27.65 -11.28 -6.07
N LEU A 391 27.41 -11.85 -7.26
CA LEU A 391 26.62 -13.08 -7.36
C LEU A 391 27.34 -14.30 -6.79
N ARG A 392 28.65 -14.20 -6.58
CA ARG A 392 29.41 -15.25 -5.90
C ARG A 392 29.45 -15.04 -4.39
N GLY A 393 28.83 -13.97 -3.89
CA GLY A 393 28.72 -13.73 -2.47
C GLY A 393 29.86 -12.99 -1.84
N TYR A 394 30.68 -12.28 -2.62
CA TYR A 394 31.86 -11.61 -2.10
C TYR A 394 31.77 -10.09 -2.21
N TRP A 395 30.56 -9.54 -2.30
CA TRP A 395 30.35 -8.10 -2.30
C TRP A 395 29.23 -7.75 -1.33
N GLY A 396 29.56 -7.05 -0.26
CA GLY A 396 28.57 -6.50 0.64
C GLY A 396 28.48 -5.01 0.49
N GLY A 397 28.40 -4.28 1.59
CA GLY A 397 28.43 -2.85 1.52
C GLY A 397 29.75 -2.34 0.97
N PRO A 398 29.76 -1.12 0.43
CA PRO A 398 31.03 -0.40 0.23
C PRO A 398 31.55 0.29 1.48
N ALA A 399 30.93 0.05 2.64
CA ALA A 399 31.38 0.69 3.87
C ALA A 399 32.88 0.51 4.07
N PHE A 400 33.40 -0.68 3.76
CA PHE A 400 34.83 -0.92 3.85
C PHE A 400 35.60 0.13 3.07
N LEU A 401 35.30 0.30 1.78
CA LEU A 401 36.03 1.22 0.94
C LEU A 401 35.71 2.67 1.28
N ARG A 402 34.49 2.96 1.74
CA ARG A 402 34.17 4.31 2.18
C ARG A 402 35.09 4.74 3.31
N LYS A 403 35.26 3.87 4.32
CA LYS A 403 36.15 4.21 5.43
C LYS A 403 37.61 4.15 5.01
N LEU A 404 37.99 3.34 4.03
CA LEU A 404 39.41 3.35 3.56
C LEU A 404 39.74 4.74 3.07
N PHE A 405 38.90 5.31 2.21
CA PHE A 405 39.10 6.64 1.57
C PHE A 405 38.78 7.77 2.52
N HIS A 406 38.18 7.49 3.66
CA HIS A 406 37.87 8.43 4.76
C HIS A 406 36.80 9.41 4.27
N ASN B 2 -25.54 -19.86 -11.83
CA ASN B 2 -26.50 -18.78 -11.58
C ASN B 2 -26.07 -17.47 -12.24
N HIS B 3 -27.05 -16.63 -12.54
CA HIS B 3 -26.81 -15.33 -13.15
C HIS B 3 -27.72 -14.30 -12.50
N TYR B 4 -27.21 -13.08 -12.37
CA TYR B 4 -28.00 -11.97 -11.82
C TYR B 4 -27.68 -10.71 -12.59
N GLU B 5 -28.71 -9.90 -12.83
CA GLU B 5 -28.51 -8.61 -13.47
C GLU B 5 -27.53 -7.76 -12.68
N VAL B 6 -27.69 -7.73 -11.35
CA VAL B 6 -26.84 -6.93 -10.47
C VAL B 6 -26.39 -7.86 -9.35
N LEU B 7 -25.08 -8.13 -9.28
CA LEU B 7 -24.48 -8.92 -8.22
C LEU B 7 -23.73 -8.00 -7.27
N VAL B 8 -24.12 -8.01 -5.99
CA VAL B 8 -23.51 -7.19 -4.96
C VAL B 8 -22.61 -8.08 -4.11
N LEU B 9 -21.33 -7.71 -4.00
CA LEU B 9 -20.37 -8.45 -3.18
C LEU B 9 -20.24 -7.74 -1.84
N GLY B 10 -20.69 -8.41 -0.78
CA GLY B 10 -20.65 -7.84 0.55
C GLY B 10 -22.01 -7.38 1.02
N GLY B 11 -22.41 -7.82 2.22
CA GLY B 11 -23.70 -7.47 2.77
C GLY B 11 -23.60 -6.50 3.93
N GLY B 12 -22.69 -5.53 3.81
CA GLY B 12 -22.47 -4.51 4.81
C GLY B 12 -23.20 -3.22 4.48
N SER B 13 -22.61 -2.09 4.90
CA SER B 13 -23.28 -0.81 4.74
C SER B 13 -23.53 -0.47 3.27
N GLY B 14 -22.46 -0.51 2.46
CA GLY B 14 -22.63 -0.20 1.04
C GLY B 14 -23.38 -1.29 0.31
N GLY B 15 -23.08 -2.55 0.63
CA GLY B 15 -23.74 -3.65 -0.07
C GLY B 15 -25.24 -3.65 0.09
N ILE B 16 -25.71 -3.59 1.34
CA ILE B 16 -27.15 -3.59 1.61
C ILE B 16 -27.80 -2.36 0.97
N THR B 17 -27.16 -1.19 1.15
CA THR B 17 -27.73 0.04 0.62
C THR B 17 -27.89 -0.03 -0.90
N MET B 18 -26.85 -0.50 -1.60
CA MET B 18 -26.93 -0.56 -3.06
C MET B 18 -27.92 -1.62 -3.51
N ALA B 19 -27.98 -2.76 -2.80
CA ALA B 19 -28.96 -3.78 -3.13
C ALA B 19 -30.37 -3.22 -3.05
N ALA B 20 -30.65 -2.43 -2.01
CA ALA B 20 -31.98 -1.83 -1.89
C ALA B 20 -32.26 -0.89 -3.05
N ARG B 21 -31.26 -0.11 -3.44
CA ARG B 21 -31.48 0.88 -4.50
C ARG B 21 -31.68 0.20 -5.86
N MET B 22 -30.90 -0.82 -6.16
CA MET B 22 -31.04 -1.47 -7.47
C MET B 22 -32.18 -2.48 -7.50
N LYS B 23 -32.63 -2.96 -6.34
CA LYS B 23 -33.92 -3.67 -6.33
C LYS B 23 -34.97 -2.83 -7.05
N ARG B 24 -34.97 -1.53 -6.79
CA ARG B 24 -35.93 -0.61 -7.37
C ARG B 24 -35.61 -0.22 -8.81
N LYS B 25 -34.45 -0.63 -9.34
CA LYS B 25 -34.10 -0.35 -10.73
C LYS B 25 -34.30 -1.55 -11.63
N VAL B 26 -33.97 -2.76 -11.17
CA VAL B 26 -34.03 -3.95 -12.01
C VAL B 26 -34.92 -5.04 -11.43
N GLY B 27 -35.56 -4.80 -10.28
CA GLY B 27 -36.39 -5.82 -9.66
C GLY B 27 -35.63 -6.66 -8.64
N ALA B 28 -36.25 -6.90 -7.49
CA ALA B 28 -35.60 -7.65 -6.41
C ALA B 28 -35.12 -9.01 -6.91
N GLU B 29 -35.88 -9.63 -7.80
CA GLU B 29 -35.55 -10.98 -8.27
C GLU B 29 -34.30 -11.00 -9.13
N ASN B 30 -33.78 -9.84 -9.55
CA ASN B 30 -32.59 -9.76 -10.38
C ASN B 30 -31.37 -9.24 -9.62
N VAL B 31 -31.42 -9.26 -8.29
CA VAL B 31 -30.33 -8.80 -7.43
C VAL B 31 -29.97 -9.91 -6.47
N ALA B 32 -28.67 -10.13 -6.27
CA ALA B 32 -28.16 -11.06 -5.27
C ALA B 32 -27.07 -10.38 -4.47
N ILE B 33 -26.92 -10.81 -3.22
CA ILE B 33 -25.89 -10.32 -2.30
C ILE B 33 -25.08 -11.53 -1.84
N VAL B 34 -23.77 -11.46 -2.05
CA VAL B 34 -22.84 -12.45 -1.52
C VAL B 34 -22.27 -11.90 -0.22
N GLU B 35 -22.61 -12.56 0.90
CA GLU B 35 -22.18 -12.12 2.22
C GLU B 35 -22.17 -13.30 3.17
N PRO B 36 -21.04 -13.61 3.82
CA PRO B 36 -20.98 -14.81 4.66
C PRO B 36 -21.35 -14.60 6.12
N SER B 37 -21.37 -13.35 6.57
CA SER B 37 -21.59 -13.07 7.99
C SER B 37 -23.08 -13.11 8.33
N GLU B 38 -23.40 -13.66 9.50
CA GLU B 38 -24.78 -13.79 9.94
C GLU B 38 -25.32 -12.52 10.58
N ARG B 39 -24.45 -11.60 10.99
CA ARG B 39 -24.86 -10.39 11.68
C ARG B 39 -24.35 -9.17 10.92
N HIS B 40 -25.19 -8.14 10.86
CA HIS B 40 -24.85 -6.88 10.21
C HIS B 40 -24.79 -5.80 11.28
N PHE B 41 -23.70 -5.03 11.28
CA PHE B 41 -23.43 -4.08 12.35
C PHE B 41 -23.36 -2.66 11.80
N TYR B 42 -23.93 -1.72 12.55
CA TYR B 42 -23.67 -0.29 12.36
C TYR B 42 -22.47 0.03 13.26
N GLN B 43 -21.29 0.00 12.66
CA GLN B 43 -20.03 -0.04 13.41
C GLN B 43 -19.72 1.22 14.19
N PRO B 44 -20.23 2.39 13.83
CA PRO B 44 -19.95 3.58 14.65
C PRO B 44 -20.35 3.42 16.11
N ILE B 45 -21.40 2.64 16.39
CA ILE B 45 -21.84 2.47 17.77
C ILE B 45 -20.73 1.87 18.62
N TRP B 46 -19.85 1.06 18.01
CA TRP B 46 -18.83 0.35 18.78
C TRP B 46 -17.91 1.33 19.51
N THR B 47 -17.78 2.56 19.02
CA THR B 47 -17.00 3.55 19.75
C THR B 47 -17.59 3.80 21.14
N LEU B 48 -18.93 3.87 21.23
CA LEU B 48 -19.58 4.08 22.53
C LEU B 48 -19.68 2.79 23.33
N VAL B 49 -19.77 1.63 22.66
CA VAL B 49 -19.74 0.37 23.38
C VAL B 49 -18.41 0.23 24.12
N GLY B 50 -17.30 0.56 23.45
CA GLY B 50 -16.00 0.48 24.10
C GLY B 50 -15.88 1.38 25.30
N ALA B 51 -16.59 2.50 25.30
CA ALA B 51 -16.63 3.42 26.43
C ALA B 51 -17.73 3.09 27.42
N GLY B 52 -18.43 1.98 27.23
CA GLY B 52 -19.47 1.57 28.17
C GLY B 52 -20.72 2.41 28.12
N ALA B 53 -20.92 3.20 27.07
CA ALA B 53 -22.10 4.05 26.95
C ALA B 53 -23.27 3.37 26.26
N LYS B 54 -23.02 2.31 25.49
CA LYS B 54 -24.09 1.59 24.83
C LYS B 54 -23.75 0.11 24.80
N GLN B 55 -24.76 -0.71 24.56
CA GLN B 55 -24.60 -2.15 24.56
C GLN B 55 -24.28 -2.65 23.16
N LEU B 56 -23.45 -3.69 23.09
CA LEU B 56 -23.10 -4.28 21.80
C LEU B 56 -24.33 -4.89 21.13
N SER B 57 -25.29 -5.38 21.92
CA SER B 57 -26.51 -5.93 21.34
C SER B 57 -27.19 -4.92 20.42
N SER B 58 -27.15 -3.64 20.79
CA SER B 58 -27.76 -2.59 19.98
C SER B 58 -27.02 -2.33 18.68
N SER B 59 -25.80 -2.85 18.52
CA SER B 59 -24.98 -2.49 17.37
C SER B 59 -25.36 -3.27 16.11
N GLY B 60 -25.94 -4.46 16.26
CA GLY B 60 -26.13 -5.35 15.16
C GLY B 60 -27.53 -5.94 15.10
N ARG B 61 -27.86 -6.42 13.91
CA ARG B 61 -29.06 -7.18 13.65
C ARG B 61 -28.68 -8.36 12.78
N PRO B 62 -29.52 -9.38 12.68
CA PRO B 62 -29.23 -10.49 11.77
C PRO B 62 -29.12 -9.98 10.34
N THR B 63 -28.15 -10.51 9.60
CA THR B 63 -28.02 -10.15 8.19
C THR B 63 -29.34 -10.38 7.47
N ALA B 64 -30.07 -11.45 7.83
CA ALA B 64 -31.33 -11.74 7.19
C ALA B 64 -32.35 -10.61 7.34
N SER B 65 -32.20 -9.80 8.41
CA SER B 65 -33.18 -8.77 8.72
C SER B 65 -33.01 -7.50 7.89
N VAL B 66 -31.87 -7.31 7.23
CA VAL B 66 -31.61 -6.11 6.45
C VAL B 66 -31.57 -6.38 4.96
N ILE B 67 -31.53 -7.64 4.54
CA ILE B 67 -31.59 -7.95 3.10
C ILE B 67 -32.90 -7.41 2.53
N PRO B 68 -32.89 -6.63 1.46
CA PRO B 68 -34.16 -6.17 0.88
C PRO B 68 -35.02 -7.37 0.45
N SER B 69 -36.33 -7.26 0.70
CA SER B 69 -37.25 -8.35 0.39
C SER B 69 -37.10 -8.79 -1.06
N GLY B 70 -37.05 -10.11 -1.26
CA GLY B 70 -36.96 -10.68 -2.58
C GLY B 70 -35.56 -10.73 -3.16
N VAL B 71 -34.57 -10.11 -2.52
CA VAL B 71 -33.20 -10.21 -3.00
C VAL B 71 -32.57 -11.47 -2.44
N GLU B 72 -31.81 -12.16 -3.29
CA GLU B 72 -31.20 -13.42 -2.92
C GLU B 72 -29.98 -13.18 -2.03
N TRP B 73 -29.96 -13.85 -0.88
CA TRP B 73 -28.81 -13.83 0.01
C TRP B 73 -28.01 -15.11 -0.23
N ILE B 74 -26.87 -14.97 -0.89
CA ILE B 74 -25.94 -16.07 -1.09
C ILE B 74 -24.97 -16.01 0.09
N LYS B 75 -25.22 -16.84 1.12
CA LYS B 75 -24.39 -16.81 2.33
C LYS B 75 -23.10 -17.57 2.03
N ALA B 76 -22.15 -16.85 1.45
CA ALA B 76 -20.86 -17.44 1.11
C ALA B 76 -19.83 -16.32 1.01
N ARG B 77 -18.59 -16.73 0.84
CA ARG B 77 -17.45 -15.81 0.75
C ARG B 77 -16.93 -15.83 -0.68
N VAL B 78 -16.88 -14.65 -1.30
CA VAL B 78 -16.24 -14.52 -2.61
C VAL B 78 -14.78 -14.96 -2.49
N THR B 79 -14.34 -15.79 -3.45
CA THR B 79 -12.98 -16.30 -3.47
C THR B 79 -12.22 -15.97 -4.75
N GLU B 80 -12.90 -15.60 -5.83
CA GLU B 80 -12.22 -15.14 -7.03
C GLU B 80 -13.15 -14.23 -7.82
N LEU B 81 -12.54 -13.28 -8.54
CA LEU B 81 -13.26 -12.42 -9.47
C LEU B 81 -12.59 -12.53 -10.84
N ASN B 82 -13.37 -12.88 -11.86
CA ASN B 82 -12.92 -12.96 -13.25
C ASN B 82 -13.78 -11.99 -14.04
N PRO B 83 -13.50 -10.68 -13.95
CA PRO B 83 -14.36 -9.71 -14.62
C PRO B 83 -14.39 -9.85 -16.14
N ASP B 84 -13.35 -10.40 -16.75
CA ASP B 84 -13.35 -10.54 -18.20
C ASP B 84 -14.29 -11.63 -18.67
N LYS B 85 -14.72 -12.54 -17.80
CA LYS B 85 -15.82 -13.41 -18.12
C LYS B 85 -17.04 -13.14 -17.25
N ASN B 86 -17.09 -11.98 -16.59
CA ASN B 86 -18.26 -11.50 -15.87
C ASN B 86 -18.76 -12.52 -14.86
N CYS B 87 -17.83 -13.05 -14.05
CA CYS B 87 -18.23 -14.04 -13.07
C CYS B 87 -17.34 -13.96 -11.84
N ILE B 88 -17.83 -14.56 -10.75
CA ILE B 88 -17.10 -14.69 -9.50
C ILE B 88 -17.25 -16.14 -9.03
N HIS B 89 -16.39 -16.53 -8.09
CA HIS B 89 -16.51 -17.81 -7.43
C HIS B 89 -16.66 -17.59 -5.93
N THR B 90 -17.36 -18.51 -5.28
CA THR B 90 -17.55 -18.49 -3.83
C THR B 90 -16.86 -19.70 -3.21
N ASP B 91 -16.81 -19.71 -1.87
CA ASP B 91 -16.26 -20.84 -1.13
C ASP B 91 -17.22 -22.02 -1.07
N ASP B 92 -18.35 -21.96 -1.77
CA ASP B 92 -19.20 -23.10 -2.05
C ASP B 92 -18.82 -23.80 -3.35
N ASP B 93 -17.69 -23.44 -3.95
CA ASP B 93 -17.30 -23.87 -5.30
C ASP B 93 -18.40 -23.54 -6.30
N GLU B 94 -19.19 -22.51 -6.01
CA GLU B 94 -20.20 -22.00 -6.93
C GLU B 94 -19.60 -20.91 -7.80
N LYS B 95 -20.00 -20.86 -9.06
CA LYS B 95 -19.62 -19.77 -9.95
C LYS B 95 -20.86 -18.97 -10.31
N ILE B 96 -20.80 -17.66 -10.09
CA ILE B 96 -21.92 -16.75 -10.30
C ILE B 96 -21.53 -15.70 -11.33
N SER B 97 -22.37 -15.53 -12.34
CA SER B 97 -22.16 -14.53 -13.37
C SER B 97 -23.12 -13.36 -13.17
N TYR B 98 -22.87 -12.29 -13.91
CA TYR B 98 -23.58 -11.04 -13.69
C TYR B 98 -23.50 -10.21 -14.96
N ARG B 99 -24.48 -9.31 -15.11
CA ARG B 99 -24.35 -8.23 -16.09
C ARG B 99 -23.68 -7.00 -15.48
N TYR B 100 -23.95 -6.73 -14.20
CA TYR B 100 -23.33 -5.63 -13.47
C TYR B 100 -22.89 -6.13 -12.10
N LEU B 101 -21.72 -5.69 -11.66
CA LEU B 101 -21.14 -6.13 -10.39
C LEU B 101 -20.89 -4.92 -9.50
N ILE B 102 -21.40 -4.98 -8.27
CA ILE B 102 -21.16 -3.95 -7.26
C ILE B 102 -20.29 -4.55 -6.18
N ILE B 103 -19.09 -4.00 -6.00
CA ILE B 103 -18.13 -4.51 -5.03
C ILE B 103 -18.18 -3.63 -3.79
N ALA B 104 -18.58 -4.22 -2.67
CA ALA B 104 -18.71 -3.51 -1.40
C ALA B 104 -18.18 -4.40 -0.28
N LEU B 105 -16.93 -4.83 -0.40
CA LEU B 105 -16.35 -5.81 0.50
C LEU B 105 -15.70 -5.16 1.72
N GLY B 106 -15.74 -3.83 1.84
CA GLY B 106 -15.23 -3.20 3.04
C GLY B 106 -13.72 -3.29 3.16
N ILE B 107 -13.25 -3.06 4.39
CA ILE B 107 -11.84 -3.15 4.71
C ILE B 107 -11.61 -4.39 5.57
N GLN B 108 -10.37 -4.87 5.55
CA GLN B 108 -9.97 -6.06 6.29
C GLN B 108 -9.06 -5.67 7.44
N LEU B 109 -9.28 -6.26 8.61
CA LEU B 109 -8.47 -5.99 9.78
C LEU B 109 -7.41 -7.07 9.93
N ASP B 110 -6.17 -6.65 10.18
CA ASP B 110 -5.02 -7.55 10.24
C ASP B 110 -4.33 -7.48 11.59
N TYR B 111 -5.03 -7.84 12.67
CA TYR B 111 -4.42 -7.85 13.99
C TYR B 111 -3.14 -8.68 14.01
N GLU B 112 -3.11 -9.78 13.26
CA GLU B 112 -1.98 -10.71 13.33
C GLU B 112 -0.69 -10.13 12.77
N LYS B 113 -0.74 -8.99 12.08
CA LYS B 113 0.50 -8.33 11.70
C LYS B 113 1.21 -7.69 12.89
N ILE B 114 0.53 -7.60 14.03
CA ILE B 114 1.12 -7.16 15.28
C ILE B 114 1.48 -8.41 16.07
N LYS B 115 2.78 -8.67 16.21
CA LYS B 115 3.24 -9.79 17.01
C LYS B 115 2.58 -9.79 18.37
N GLY B 116 2.13 -10.96 18.82
CA GLY B 116 1.42 -11.10 20.06
C GLY B 116 -0.08 -11.00 19.95
N LEU B 117 -0.61 -10.52 18.82
CA LEU B 117 -2.03 -10.47 18.57
C LEU B 117 -2.42 -11.49 17.50
N PRO B 118 -3.64 -12.02 17.54
CA PRO B 118 -4.73 -11.67 18.44
C PRO B 118 -4.73 -12.42 19.78
N GLU B 119 -3.84 -13.41 19.93
CA GLU B 119 -3.85 -14.21 21.15
C GLU B 119 -3.69 -13.34 22.40
N GLY B 120 -3.08 -12.16 22.27
CA GLY B 120 -2.94 -11.29 23.42
C GLY B 120 -4.24 -10.79 23.98
N PHE B 121 -5.32 -10.80 23.19
CA PHE B 121 -6.60 -10.36 23.70
C PHE B 121 -7.17 -11.31 24.75
N ALA B 122 -6.60 -12.51 24.88
CA ALA B 122 -7.00 -13.42 25.95
C ALA B 122 -6.62 -12.89 27.33
N HIS B 123 -5.70 -11.93 27.39
CA HIS B 123 -5.27 -11.33 28.64
C HIS B 123 -6.11 -10.09 28.93
N PRO B 124 -6.06 -9.59 30.15
CA PRO B 124 -6.78 -8.36 30.47
C PRO B 124 -5.98 -7.12 30.07
N LYS B 125 -6.65 -5.98 30.15
CA LYS B 125 -6.10 -4.62 30.00
C LYS B 125 -5.90 -4.19 28.56
N ILE B 126 -6.43 -4.92 27.59
CA ILE B 126 -6.20 -4.62 26.18
C ILE B 126 -7.49 -4.87 25.42
N GLY B 127 -7.89 -3.91 24.58
CA GLY B 127 -9.10 -4.04 23.79
C GLY B 127 -8.92 -3.41 22.43
N SER B 128 -10.00 -3.48 21.64
CA SER B 128 -10.04 -2.85 20.32
C SER B 128 -11.49 -2.67 19.92
N ASN B 129 -11.89 -1.43 19.63
CA ASN B 129 -13.25 -1.13 19.21
C ASN B 129 -13.53 -1.51 17.77
N TYR B 130 -12.53 -1.98 17.02
CA TYR B 130 -12.70 -2.29 15.61
C TYR B 130 -13.19 -3.70 15.35
N SER B 131 -13.36 -4.52 16.39
CA SER B 131 -13.79 -5.90 16.22
C SER B 131 -14.87 -6.22 17.23
N VAL B 132 -15.89 -6.98 16.79
CA VAL B 132 -16.96 -7.39 17.69
C VAL B 132 -16.42 -8.27 18.80
N LYS B 133 -15.33 -8.99 18.53
CA LYS B 133 -14.78 -9.93 19.51
C LYS B 133 -13.86 -9.26 20.53
N THR B 134 -13.62 -7.95 20.42
CA THR B 134 -12.73 -7.25 21.33
C THR B 134 -13.27 -5.91 21.82
N VAL B 135 -14.37 -5.40 21.28
CA VAL B 135 -14.82 -4.07 21.67
C VAL B 135 -15.26 -4.03 23.13
N GLU B 136 -15.86 -5.12 23.63
CA GLU B 136 -16.23 -5.14 25.03
C GLU B 136 -15.01 -5.23 25.93
N LYS B 137 -13.90 -5.80 25.44
CA LYS B 137 -12.67 -5.81 26.23
C LYS B 137 -12.12 -4.41 26.41
N THR B 138 -12.39 -3.51 25.48
CA THR B 138 -12.02 -2.11 25.69
C THR B 138 -12.72 -1.55 26.91
N TRP B 139 -14.01 -1.86 27.08
CA TRP B 139 -14.79 -1.32 28.19
C TRP B 139 -14.30 -1.90 29.52
N LYS B 140 -14.01 -3.19 29.56
CA LYS B 140 -13.49 -3.77 30.80
C LYS B 140 -12.12 -3.23 31.14
N ALA B 141 -11.28 -2.94 30.14
CA ALA B 141 -9.98 -2.36 30.42
C ALA B 141 -10.13 -0.96 31.02
N LEU B 142 -11.09 -0.18 30.52
CA LEU B 142 -11.39 1.11 31.13
C LEU B 142 -11.84 0.93 32.57
N GLN B 143 -12.68 -0.08 32.82
CA GLN B 143 -13.18 -0.33 34.17
C GLN B 143 -12.04 -0.66 35.12
N ASP B 144 -11.24 -1.66 34.78
CA ASP B 144 -10.21 -2.19 35.66
C ASP B 144 -8.98 -1.31 35.76
N PHE B 145 -8.89 -0.25 34.97
CA PHE B 145 -7.72 0.62 35.01
C PHE B 145 -7.55 1.20 36.41
N LYS B 146 -6.37 0.97 36.99
CA LYS B 146 -6.01 1.53 38.29
C LYS B 146 -4.95 2.62 38.15
N GLU B 147 -3.76 2.26 37.70
CA GLU B 147 -2.64 3.20 37.66
C GLU B 147 -1.71 2.84 36.50
N GLY B 148 -1.30 3.86 35.75
CA GLY B 148 -0.29 3.66 34.72
C GLY B 148 -0.56 4.35 33.39
N ASN B 149 -0.02 3.76 32.33
CA ASN B 149 -0.17 4.29 30.98
C ASN B 149 -1.45 3.76 30.36
N ALA B 150 -2.25 4.67 29.80
CA ALA B 150 -3.39 4.33 28.96
C ALA B 150 -2.98 4.66 27.53
N ILE B 151 -2.79 3.63 26.71
CA ILE B 151 -2.18 3.77 25.39
C ILE B 151 -3.22 3.55 24.32
N PHE B 152 -3.31 4.49 23.37
CA PHE B 152 -4.18 4.42 22.20
C PHE B 152 -3.34 4.57 20.94
N THR B 153 -3.52 3.64 20.01
CA THR B 153 -2.64 3.53 18.84
C THR B 153 -3.37 3.86 17.55
N PHE B 154 -2.57 4.16 16.52
CA PHE B 154 -3.04 4.43 15.15
C PHE B 154 -2.03 3.83 14.18
N PRO B 155 -2.45 2.93 13.28
CA PRO B 155 -1.50 2.16 12.49
C PRO B 155 -0.98 2.92 11.27
N ASN B 156 -0.06 2.28 10.56
CA ASN B 156 0.61 2.85 9.40
C ASN B 156 -0.01 2.39 8.08
N THR B 157 -1.32 2.18 8.06
CA THR B 157 -2.06 1.76 6.88
C THR B 157 -3.26 2.68 6.72
N PRO B 158 -3.99 2.55 5.62
CA PRO B 158 -5.32 3.18 5.56
C PRO B 158 -6.22 2.60 6.65
N VAL B 159 -7.24 3.39 7.01
CA VAL B 159 -8.12 3.09 8.14
C VAL B 159 -9.56 3.40 7.71
N LYS B 160 -10.50 2.70 8.33
CA LYS B 160 -11.89 3.19 8.31
C LYS B 160 -12.14 4.00 9.59
N ALA B 162 -11.04 7.50 10.65
CA ALA B 162 -9.77 7.98 11.17
C ALA B 162 -9.94 8.61 12.56
N GLY B 163 -11.19 8.96 12.89
CA GLY B 163 -11.44 9.62 14.16
C GLY B 163 -11.58 8.67 15.33
N ALA B 164 -12.01 7.43 15.08
CA ALA B 164 -12.33 6.52 16.16
C ALA B 164 -11.14 6.17 17.04
N PRO B 165 -9.91 6.03 16.52
CA PRO B 165 -8.78 5.71 17.40
C PRO B 165 -8.56 6.75 18.49
N GLN B 166 -8.88 8.02 18.24
CA GLN B 166 -8.76 9.05 19.26
C GLN B 166 -10.06 9.34 19.98
N GLU B 167 -11.21 9.03 19.38
CA GLU B 167 -12.49 9.19 20.06
C GLU B 167 -12.50 8.45 21.39
N ILE B 168 -12.06 7.18 21.37
CA ILE B 168 -12.08 6.38 22.59
C ILE B 168 -11.07 6.89 23.60
N MET B 169 -10.07 7.64 23.16
CA MET B 169 -9.14 8.27 24.10
C MET B 169 -9.83 9.40 24.86
N TYR B 170 -10.55 10.26 24.13
CA TYR B 170 -11.28 11.34 24.79
C TYR B 170 -12.32 10.80 25.76
N LEU B 171 -13.06 9.77 25.35
CA LEU B 171 -14.00 9.13 26.25
C LEU B 171 -13.29 8.51 27.44
N SER B 172 -12.12 7.88 27.21
CA SER B 172 -11.38 7.26 28.30
C SER B 172 -10.90 8.32 29.28
N GLU B 173 -10.47 9.48 28.77
CA GLU B 173 -10.08 10.59 29.63
C GLU B 173 -11.25 11.03 30.50
N ALA B 174 -12.41 11.26 29.90
CA ALA B 174 -13.59 11.68 30.65
C ALA B 174 -14.00 10.62 31.65
N TYR B 175 -13.82 9.33 31.32
CA TYR B 175 -14.17 8.28 32.27
C TYR B 175 -13.28 8.32 33.49
N PHE B 176 -12.01 8.71 33.34
CA PHE B 176 -11.10 8.74 34.48
C PHE B 176 -11.40 9.92 35.40
N ARG B 177 -11.83 11.05 34.85
CA ARG B 177 -12.30 12.16 35.69
C ARG B 177 -13.52 11.73 36.50
N LYS B 178 -14.49 11.08 35.84
CA LYS B 178 -15.74 10.73 36.50
C LYS B 178 -15.58 9.61 37.52
N THR B 179 -14.47 8.87 37.48
CA THR B 179 -14.18 7.85 38.47
C THR B 179 -13.06 8.27 39.41
N GLY B 180 -12.58 9.50 39.30
CA GLY B 180 -11.59 10.04 40.21
C GLY B 180 -10.14 9.68 39.93
N LYS B 181 -9.87 8.80 38.96
CA LYS B 181 -8.53 8.30 38.73
C LYS B 181 -7.82 8.98 37.56
N ARG B 182 -8.26 10.18 37.17
CA ARG B 182 -7.52 10.92 36.15
C ARG B 182 -6.10 11.23 36.61
N SER B 183 -5.92 11.40 37.91
CA SER B 183 -4.59 11.69 38.45
C SER B 183 -3.61 10.55 38.20
N LYS B 184 -4.11 9.33 38.07
CA LYS B 184 -3.28 8.14 38.04
C LYS B 184 -3.07 7.58 36.63
N ALA B 185 -3.52 8.29 35.60
CA ALA B 185 -3.46 7.81 34.24
C ALA B 185 -2.60 8.74 33.39
N ASN B 186 -1.55 8.20 32.79
CA ASN B 186 -0.83 8.88 31.73
C ASN B 186 -1.42 8.42 30.40
N ILE B 187 -2.00 9.36 29.65
CA ILE B 187 -2.83 9.06 28.49
C ILE B 187 -2.09 9.53 27.25
N ILE B 188 -1.76 8.58 26.36
CA ILE B 188 -0.95 8.88 25.19
C ILE B 188 -1.58 8.31 23.94
N PHE B 189 -1.51 9.08 22.86
CA PHE B 189 -1.94 8.69 21.52
C PHE B 189 -0.68 8.46 20.70
N ASN B 190 -0.30 7.19 20.52
CA ASN B 190 0.88 6.83 19.74
C ASN B 190 0.42 6.54 18.31
N THR B 191 0.68 7.49 17.41
CA THR B 191 0.12 7.47 16.06
C THR B 191 1.23 7.40 15.03
N SER B 192 0.98 6.62 13.97
CA SER B 192 1.92 6.57 12.85
C SER B 192 1.99 7.87 12.08
N LEU B 193 0.96 8.71 12.17
CA LEU B 193 0.91 9.92 11.37
C LEU B 193 1.69 11.04 12.02
N GLY B 194 1.84 12.14 11.27
CA GLY B 194 2.48 13.34 11.74
C GLY B 194 1.52 14.45 12.11
N ALA B 195 0.22 14.18 12.15
CA ALA B 195 -0.80 15.16 12.46
C ALA B 195 -1.95 14.46 13.16
N ILE B 196 -2.66 15.22 13.99
CA ILE B 196 -3.78 14.66 14.75
C ILE B 196 -4.99 14.43 13.86
N PHE B 197 -5.19 15.26 12.84
CA PHE B 197 -6.30 15.13 11.91
C PHE B 197 -5.91 15.85 10.63
N GLY B 198 -6.41 15.35 9.50
CA GLY B 198 -5.98 15.86 8.21
C GLY B 198 -6.70 17.09 7.73
N VAL B 199 -7.75 17.54 8.41
CA VAL B 199 -8.45 18.76 8.06
C VAL B 199 -8.21 19.77 9.17
N LYS B 200 -7.65 20.94 8.79
CA LYS B 200 -7.09 21.86 9.77
C LYS B 200 -8.16 22.36 10.74
N LYS B 201 -9.32 22.77 10.23
CA LYS B 201 -10.36 23.34 11.09
C LYS B 201 -10.61 22.46 12.30
N TYR B 202 -10.76 21.14 12.08
CA TYR B 202 -10.99 20.23 13.19
C TYR B 202 -9.70 19.79 13.87
N ALA B 203 -8.56 19.83 13.16
CA ALA B 203 -7.29 19.52 13.81
C ALA B 203 -6.99 20.54 14.91
N ASP B 204 -7.24 21.82 14.65
CA ASP B 204 -7.03 22.84 15.68
C ASP B 204 -7.97 22.61 16.86
N ALA B 205 -9.22 22.26 16.59
CA ALA B 205 -10.17 22.02 17.67
C ALA B 205 -9.71 20.87 18.56
N LEU B 206 -9.26 19.77 17.94
CA LEU B 206 -8.82 18.63 18.73
C LEU B 206 -7.52 18.93 19.47
N GLN B 207 -6.62 19.71 18.86
CA GLN B 207 -5.36 20.03 19.52
C GLN B 207 -5.62 20.85 20.78
N GLU B 208 -6.53 21.81 20.72
CA GLU B 208 -6.87 22.57 21.91
C GLU B 208 -7.46 21.67 22.99
N ILE B 209 -8.28 20.69 22.59
CA ILE B 209 -8.79 19.73 23.57
C ILE B 209 -7.64 18.89 24.13
N ILE B 210 -6.67 18.56 23.29
CA ILE B 210 -5.56 17.72 23.74
C ILE B 210 -4.73 18.46 24.77
N GLN B 211 -4.50 19.76 24.57
CA GLN B 211 -3.71 20.53 25.51
C GLN B 211 -4.49 20.78 26.80
N GLU B 212 -5.77 21.13 26.69
CA GLU B 212 -6.56 21.49 27.87
C GLU B 212 -6.75 20.30 28.81
N ARG B 213 -6.72 19.08 28.29
CA ARG B 213 -6.92 17.89 29.10
C ARG B 213 -5.64 17.09 29.27
N ASN B 214 -4.48 17.70 29.01
CA ASN B 214 -3.18 17.10 29.25
C ASN B 214 -3.09 15.69 28.66
N LEU B 215 -3.31 15.62 27.35
CA LEU B 215 -3.14 14.41 26.58
C LEU B 215 -1.84 14.48 25.79
N THR B 216 -1.15 13.35 25.68
CA THR B 216 0.13 13.29 24.99
C THR B 216 -0.05 12.63 23.63
N VAL B 217 0.45 13.29 22.59
CA VAL B 217 0.44 12.76 21.23
C VAL B 217 1.89 12.48 20.83
N ASN B 218 2.19 11.22 20.52
CA ASN B 218 3.52 10.83 20.04
C ASN B 218 3.40 10.47 18.56
N TYR B 219 3.95 11.33 17.72
CA TYR B 219 3.80 11.18 16.28
C TYR B 219 4.84 10.20 15.73
N LYS B 220 4.50 9.58 14.60
CA LYS B 220 5.40 8.67 13.90
C LYS B 220 5.80 7.49 14.77
N LYS B 221 4.87 7.01 15.59
CA LYS B 221 5.11 5.87 16.48
C LYS B 221 4.05 4.83 16.18
N ASN B 222 4.48 3.63 15.79
CA ASN B 222 3.59 2.61 15.27
C ASN B 222 3.75 1.32 16.04
N LEU B 223 2.63 0.78 16.51
CA LEU B 223 2.65 -0.46 17.28
C LEU B 223 3.06 -1.61 16.37
N ILE B 224 4.06 -2.38 16.81
CA ILE B 224 4.52 -3.54 16.07
C ILE B 224 4.48 -4.82 16.90
N GLU B 225 4.32 -4.74 18.22
CA GLU B 225 4.24 -5.94 19.03
C GLU B 225 3.51 -5.65 20.33
N VAL B 226 2.81 -6.64 20.82
CA VAL B 226 2.16 -6.59 22.13
C VAL B 226 2.62 -7.79 22.93
N ARG B 227 3.14 -7.55 24.13
CA ARG B 227 3.47 -8.59 25.09
C ARG B 227 2.38 -8.57 26.16
N ALA B 228 1.23 -9.15 25.84
CA ALA B 228 0.04 -9.02 26.68
C ALA B 228 0.30 -9.57 28.07
N ASP B 229 1.08 -10.65 28.18
CA ASP B 229 1.40 -11.21 29.48
C ASP B 229 2.09 -10.19 30.37
N LYS B 230 3.06 -9.45 29.81
CA LYS B 230 3.83 -8.48 30.56
C LYS B 230 3.24 -7.08 30.51
N GLN B 231 2.09 -6.89 29.87
CA GLN B 231 1.51 -5.57 29.68
C GLN B 231 2.54 -4.58 29.13
N GLU B 232 3.26 -5.02 28.11
CA GLU B 232 4.22 -4.17 27.40
C GLU B 232 3.82 -4.08 25.93
N ALA B 233 4.04 -2.89 25.36
CA ALA B 233 3.73 -2.61 23.96
C ALA B 233 4.96 -2.04 23.28
N VAL B 234 5.34 -2.60 22.12
CA VAL B 234 6.52 -2.18 21.39
C VAL B 234 6.09 -1.31 20.20
N PHE B 235 6.69 -0.12 20.10
CA PHE B 235 6.45 0.79 18.99
C PHE B 235 7.73 0.98 18.20
N GLU B 236 7.58 1.11 16.89
CA GLU B 236 8.69 1.48 16.01
C GLU B 236 8.61 2.97 15.74
N ASN B 237 9.78 3.60 15.63
CA ASN B 237 9.88 5.02 15.32
C ASN B 237 10.00 5.16 13.81
N LEU B 238 8.93 5.62 13.17
CA LEU B 238 8.92 5.70 11.71
C LEU B 238 9.85 6.78 11.18
N ASP B 239 10.30 7.70 12.04
CA ASP B 239 11.26 8.71 11.63
C ASP B 239 12.71 8.24 11.75
N LYS B 240 12.96 7.16 12.49
CA LYS B 240 14.30 6.59 12.63
C LYS B 240 14.20 5.08 12.45
N PRO B 241 14.22 4.60 11.21
CA PRO B 241 14.09 3.15 10.98
C PRO B 241 15.09 2.35 11.79
N GLY B 242 14.60 1.32 12.46
CA GLY B 242 15.40 0.48 13.32
C GLY B 242 15.21 0.76 14.81
N GLU B 243 14.80 1.97 15.15
CA GLU B 243 14.59 2.33 16.55
C GLU B 243 13.21 1.86 17.01
N THR B 244 13.16 1.35 18.24
CA THR B 244 11.93 0.88 18.86
C THR B 244 11.80 1.51 20.24
N GLN B 245 10.69 1.20 20.90
CA GLN B 245 10.42 1.70 22.26
C GLN B 245 9.45 0.73 22.92
N VAL B 246 9.86 0.13 24.03
CA VAL B 246 9.01 -0.78 24.80
C VAL B 246 8.38 0.01 25.93
N ILE B 247 7.04 -0.01 25.98
CA ILE B 247 6.27 0.81 26.91
C ILE B 247 5.36 -0.08 27.73
N SER B 248 5.31 0.18 29.03
CA SER B 248 4.34 -0.46 29.91
C SER B 248 2.97 0.18 29.73
N TYR B 249 1.92 -0.63 29.90
CA TYR B 249 0.58 -0.08 29.85
C TYR B 249 -0.28 -0.69 30.94
N GLU B 250 -1.17 0.14 31.49
CA GLU B 250 -2.27 -0.31 32.31
C GLU B 250 -3.55 -0.49 31.51
N MET B 251 -3.66 0.19 30.37
CA MET B 251 -4.74 -0.01 29.41
C MET B 251 -4.19 0.24 28.01
N LEU B 252 -4.47 -0.67 27.08
CA LEU B 252 -4.03 -0.55 25.70
C LEU B 252 -5.21 -0.68 24.75
N HIS B 253 -5.43 0.33 23.92
CA HIS B 253 -6.41 0.24 22.84
C HIS B 253 -5.71 0.17 21.49
N VAL B 254 -5.94 -0.92 20.76
CA VAL B 254 -5.26 -1.21 19.51
C VAL B 254 -6.18 -0.84 18.34
N THR B 255 -5.73 0.05 17.48
CA THR B 255 -6.32 0.20 16.16
C THR B 255 -5.51 -0.68 15.19
N PRO B 256 -6.09 -1.75 14.65
CA PRO B 256 -5.26 -2.73 13.92
C PRO B 256 -4.83 -2.19 12.58
N PRO B 257 -3.70 -2.68 12.04
CA PRO B 257 -3.42 -2.48 10.62
C PRO B 257 -4.60 -2.95 9.78
N MET B 258 -4.88 -2.28 8.69
CA MET B 258 -6.02 -2.57 7.81
C MET B 258 -5.51 -2.66 6.38
N SER B 259 -6.23 -3.34 5.53
CA SER B 259 -5.80 -3.64 4.17
C SER B 259 -7.03 -4.00 3.35
N PRO B 260 -6.90 -4.06 2.01
CA PRO B 260 -8.01 -4.54 1.20
C PRO B 260 -8.28 -6.00 1.48
N PRO B 261 -9.54 -6.43 1.38
CA PRO B 261 -9.83 -7.87 1.51
C PRO B 261 -8.87 -8.71 0.68
N ASP B 262 -8.48 -9.87 1.23
CA ASP B 262 -7.49 -10.71 0.59
C ASP B 262 -7.91 -11.07 -0.83
N VAL B 263 -9.20 -11.37 -1.05
CA VAL B 263 -9.64 -11.80 -2.38
C VAL B 263 -9.43 -10.69 -3.40
N LEU B 264 -9.41 -9.44 -2.96
CA LEU B 264 -9.20 -8.32 -3.88
C LEU B 264 -7.73 -8.02 -4.11
N LYS B 265 -6.86 -8.35 -3.15
CA LYS B 265 -5.45 -7.97 -3.26
C LYS B 265 -4.85 -8.42 -4.59
N THR B 266 -5.18 -9.63 -5.04
CA THR B 266 -4.63 -10.19 -6.26
C THR B 266 -5.61 -10.12 -7.43
N SER B 267 -6.74 -9.46 -7.25
CA SER B 267 -7.79 -9.49 -8.25
C SER B 267 -7.50 -8.52 -9.39
N PRO B 268 -8.00 -8.82 -10.60
CA PRO B 268 -7.86 -7.86 -11.70
C PRO B 268 -8.62 -6.55 -11.50
N VAL B 269 -9.63 -6.54 -10.63
CA VAL B 269 -10.37 -5.30 -10.40
C VAL B 269 -9.59 -4.33 -9.51
N ALA B 270 -8.57 -4.81 -8.80
CA ALA B 270 -7.83 -3.96 -7.88
C ALA B 270 -6.83 -3.11 -8.63
N ASP B 271 -6.52 -1.95 -8.04
CA ASP B 271 -5.35 -1.19 -8.46
C ASP B 271 -4.11 -1.92 -7.95
N ALA B 272 -2.94 -1.31 -8.13
CA ALA B 272 -1.70 -1.98 -7.75
C ALA B 272 -1.62 -2.23 -6.25
N ALA B 273 -2.34 -1.46 -5.45
CA ALA B 273 -2.33 -1.61 -4.00
C ALA B 273 -3.43 -2.54 -3.48
N GLY B 274 -4.29 -3.05 -4.35
CA GLY B 274 -5.31 -3.99 -3.94
C GLY B 274 -6.70 -3.40 -3.74
N TRP B 275 -6.85 -2.08 -3.86
CA TRP B 275 -8.15 -1.43 -3.73
C TRP B 275 -8.89 -1.45 -5.07
N VAL B 276 -10.22 -1.46 -5.01
CA VAL B 276 -11.02 -1.52 -6.23
C VAL B 276 -10.81 -0.22 -7.01
N ASP B 277 -10.32 -0.37 -8.24
CA ASP B 277 -9.85 0.75 -9.06
C ASP B 277 -11.04 1.35 -9.82
N VAL B 278 -11.62 2.42 -9.27
CA VAL B 278 -12.83 3.03 -9.83
C VAL B 278 -12.56 4.49 -10.16
N ASP B 279 -13.40 5.03 -11.06
CA ASP B 279 -13.38 6.45 -11.36
C ASP B 279 -13.76 7.24 -10.11
N LYS B 280 -12.95 8.27 -9.80
CA LYS B 280 -13.11 8.96 -8.53
C LYS B 280 -14.41 9.75 -8.45
N GLU B 281 -15.07 10.00 -9.58
CA GLU B 281 -16.29 10.79 -9.62
C GLU B 281 -17.54 9.96 -9.88
N THR B 282 -17.48 8.95 -10.74
CA THR B 282 -18.65 8.15 -11.09
C THR B 282 -18.72 6.82 -10.35
N LEU B 283 -17.60 6.34 -9.81
CA LEU B 283 -17.46 5.06 -9.13
C LEU B 283 -17.58 3.88 -10.08
N GLN B 284 -17.56 4.12 -11.39
CA GLN B 284 -17.48 3.03 -12.36
C GLN B 284 -16.04 2.57 -12.48
N HIS B 285 -15.85 1.26 -12.59
CA HIS B 285 -14.50 0.73 -12.66
C HIS B 285 -13.78 1.28 -13.89
N ARG B 286 -12.48 1.54 -13.73
CA ARG B 286 -11.72 2.21 -14.78
C ARG B 286 -11.53 1.31 -16.00
N ARG B 287 -11.37 0.00 -15.80
CA ARG B 287 -11.04 -0.91 -16.88
C ARG B 287 -12.15 -1.89 -17.26
N TYR B 288 -13.11 -2.13 -16.36
CA TYR B 288 -14.24 -3.02 -16.66
C TYR B 288 -15.54 -2.24 -16.50
N PRO B 289 -16.13 -1.76 -17.59
CA PRO B 289 -17.22 -0.78 -17.46
C PRO B 289 -18.49 -1.32 -16.82
N ASN B 290 -18.63 -2.64 -16.63
CA ASN B 290 -19.78 -3.18 -15.92
C ASN B 290 -19.48 -3.51 -14.46
N VAL B 291 -18.40 -2.95 -13.90
CA VAL B 291 -18.01 -3.19 -12.52
C VAL B 291 -18.06 -1.85 -11.77
N PHE B 292 -18.49 -1.90 -10.51
CA PHE B 292 -18.63 -0.71 -9.68
C PHE B 292 -18.14 -1.00 -8.28
N GLY B 293 -17.68 0.05 -7.60
CA GLY B 293 -17.19 -0.08 -6.25
C GLY B 293 -17.77 0.98 -5.34
N ILE B 294 -17.99 0.60 -4.09
CA ILE B 294 -18.49 1.51 -3.06
C ILE B 294 -17.86 1.13 -1.74
N GLY B 295 -17.56 2.14 -0.93
CA GLY B 295 -17.17 1.90 0.46
C GLY B 295 -15.68 1.76 0.67
N ASP B 296 -15.35 1.08 1.78
CA ASP B 296 -13.96 1.02 2.23
C ASP B 296 -13.07 0.26 1.24
N CYS B 297 -13.63 -0.69 0.48
CA CYS B 297 -12.81 -1.48 -0.43
C CYS B 297 -12.34 -0.68 -1.65
N THR B 298 -12.84 0.52 -1.86
CA THR B 298 -12.49 1.29 -3.05
C THR B 298 -11.19 2.07 -2.83
N ASN B 299 -10.65 2.59 -3.93
CA ASN B 299 -9.51 3.49 -3.89
C ASN B 299 -9.95 4.96 -3.95
N LEU B 300 -11.19 5.24 -3.61
CA LEU B 300 -11.66 6.62 -3.56
C LEU B 300 -10.85 7.38 -2.52
N PRO B 301 -10.13 8.46 -2.90
CA PRO B 301 -9.18 9.13 -1.97
C PRO B 301 -9.86 10.08 -1.00
N THR B 302 -10.68 9.51 -0.13
CA THR B 302 -11.32 10.26 0.96
C THR B 302 -11.41 9.32 2.15
N SER B 303 -11.76 9.88 3.30
CA SER B 303 -11.89 9.06 4.51
C SER B 303 -12.91 7.95 4.28
N LYS B 304 -12.59 6.77 4.79
CA LYS B 304 -13.46 5.61 4.65
C LYS B 304 -14.45 5.61 5.80
N THR B 305 -15.67 6.07 5.53
CA THR B 305 -16.71 6.24 6.54
C THR B 305 -18.05 5.79 5.96
N ALA B 306 -18.99 5.52 6.88
CA ALA B 306 -20.35 5.16 6.47
C ALA B 306 -21.06 6.35 5.84
N ALA B 307 -20.80 7.57 6.34
CA ALA B 307 -21.35 8.76 5.70
C ALA B 307 -20.85 8.88 4.27
N ALA B 308 -19.57 8.55 4.03
CA ALA B 308 -19.06 8.52 2.66
C ALA B 308 -19.78 7.48 1.83
N VAL B 309 -20.07 6.31 2.42
CA VAL B 309 -20.84 5.30 1.72
C VAL B 309 -22.19 5.87 1.29
N ALA B 310 -22.87 6.56 2.21
CA ALA B 310 -24.20 7.10 1.91
C ALA B 310 -24.14 8.06 0.73
N ALA B 311 -23.23 9.03 0.75
CA ALA B 311 -23.08 9.95 -0.37
C ALA B 311 -22.69 9.20 -1.64
N GLN B 312 -21.86 8.16 -1.51
CA GLN B 312 -21.44 7.41 -2.68
C GLN B 312 -22.60 6.59 -3.27
N SER B 313 -23.57 6.20 -2.43
CA SER B 313 -24.69 5.39 -2.92
C SER B 313 -25.59 6.20 -3.84
N GLY B 314 -25.73 7.50 -3.61
CA GLY B 314 -26.55 8.31 -4.49
C GLY B 314 -25.89 8.55 -5.84
N ILE B 315 -24.57 8.77 -5.85
CA ILE B 315 -23.85 8.94 -7.10
C ILE B 315 -23.87 7.63 -7.90
N LEU B 316 -23.58 6.51 -7.24
CA LEU B 316 -23.50 5.23 -7.93
C LEU B 316 -24.86 4.77 -8.43
N ASP B 317 -25.93 5.10 -7.71
CA ASP B 317 -27.27 4.80 -8.19
C ASP B 317 -27.50 5.45 -9.55
N ARG B 318 -27.15 6.74 -9.68
CA ARG B 318 -27.34 7.43 -10.94
C ARG B 318 -26.34 6.95 -11.98
N THR B 319 -25.09 6.72 -11.58
CA THR B 319 -24.10 6.19 -12.52
C THR B 319 -24.61 4.91 -13.18
N ILE B 320 -25.14 3.98 -12.38
CA ILE B 320 -25.58 2.71 -12.94
C ILE B 320 -26.85 2.90 -13.76
N SER B 321 -27.77 3.75 -13.30
CA SER B 321 -28.99 3.98 -14.04
C SER B 321 -28.70 4.53 -15.43
N VAL B 322 -27.82 5.52 -15.53
CA VAL B 322 -27.56 6.11 -16.84
C VAL B 322 -26.82 5.12 -17.74
N ILE B 323 -25.93 4.30 -17.18
CA ILE B 323 -25.25 3.30 -18.00
C ILE B 323 -26.25 2.28 -18.53
N MET B 324 -27.26 1.94 -17.73
CA MET B 324 -28.32 1.06 -18.22
C MET B 324 -29.09 1.70 -19.36
N LYS B 325 -29.20 3.02 -19.36
CA LYS B 325 -29.86 3.77 -20.42
C LYS B 325 -28.90 4.19 -21.53
N ASN B 326 -27.72 3.56 -21.59
CA ASN B 326 -26.74 3.83 -22.63
C ASN B 326 -26.43 5.33 -22.75
N GLN B 327 -26.30 5.99 -21.59
CA GLN B 327 -25.89 7.37 -21.52
C GLN B 327 -24.64 7.48 -20.64
N THR B 328 -23.98 8.64 -20.71
CA THR B 328 -22.75 8.82 -19.94
C THR B 328 -23.04 9.54 -18.62
N PRO B 329 -22.44 9.11 -17.51
CA PRO B 329 -22.78 9.72 -16.22
C PRO B 329 -22.46 11.20 -16.16
N THR B 330 -23.32 11.92 -15.42
CA THR B 330 -23.30 13.36 -15.30
C THR B 330 -22.88 13.84 -13.93
N LYS B 331 -23.48 13.26 -12.89
CA LYS B 331 -23.33 13.75 -11.53
C LYS B 331 -22.06 13.16 -10.93
N LYS B 332 -21.25 14.04 -10.35
CA LYS B 332 -19.93 13.69 -9.84
C LYS B 332 -19.96 13.52 -8.33
N TYR B 333 -19.14 12.59 -7.83
CA TYR B 333 -18.94 12.45 -6.40
C TYR B 333 -17.88 13.46 -5.96
N ASP B 334 -18.17 14.20 -4.89
CA ASP B 334 -17.30 15.26 -4.42
C ASP B 334 -16.37 14.80 -3.29
N GLY B 335 -16.37 13.51 -2.96
CA GLY B 335 -15.55 13.02 -1.87
C GLY B 335 -16.10 13.31 -0.50
N TYR B 336 -17.38 13.63 -0.40
CA TYR B 336 -17.96 13.90 0.90
C TYR B 336 -17.77 12.72 1.84
N THR B 337 -17.39 13.03 3.08
CA THR B 337 -17.23 12.03 4.12
C THR B 337 -17.37 12.75 5.45
N SER B 338 -17.55 11.97 6.52
CA SER B 338 -17.77 12.55 7.83
C SER B 338 -17.31 11.60 8.93
N CYS B 339 -16.65 12.15 9.94
CA CYS B 339 -16.34 11.42 11.17
C CYS B 339 -16.90 12.24 12.33
N PRO B 340 -18.08 11.92 12.84
CA PRO B 340 -18.59 12.64 14.02
C PRO B 340 -17.79 12.25 15.26
N LEU B 341 -16.85 13.10 15.68
CA LEU B 341 -15.90 12.74 16.72
C LEU B 341 -16.52 12.92 18.09
N VAL B 342 -16.77 11.82 18.79
CA VAL B 342 -17.16 11.88 20.19
C VAL B 342 -15.96 12.37 20.99
N THR B 343 -16.07 13.56 21.59
CA THR B 343 -15.03 14.12 22.45
C THR B 343 -15.34 13.95 23.93
N GLY B 344 -16.47 13.35 24.25
CA GLY B 344 -16.86 13.13 25.63
C GLY B 344 -18.20 12.42 25.64
N TYR B 345 -18.61 12.03 26.84
CA TYR B 345 -19.86 11.28 26.96
C TYR B 345 -21.09 12.11 26.59
N ASN B 346 -20.92 13.38 26.20
CA ASN B 346 -22.05 14.24 25.92
C ASN B 346 -21.76 15.26 24.82
N ARG B 347 -20.74 15.03 24.00
CA ARG B 347 -20.26 16.03 23.07
C ARG B 347 -19.77 15.36 21.79
N VAL B 348 -19.87 16.09 20.68
CA VAL B 348 -19.38 15.62 19.40
C VAL B 348 -18.90 16.82 18.59
N ILE B 349 -17.73 16.68 17.98
CA ILE B 349 -17.27 17.55 16.90
C ILE B 349 -17.64 16.86 15.60
N LEU B 350 -18.63 17.39 14.88
CA LEU B 350 -19.08 16.79 13.64
C LEU B 350 -18.18 17.28 12.51
N ALA B 351 -17.17 16.49 12.17
CA ALA B 351 -16.28 16.83 11.08
C ALA B 351 -16.88 16.33 9.76
N GLU B 352 -17.08 17.25 8.83
CA GLU B 352 -17.56 16.95 7.48
C GLU B 352 -16.62 17.61 6.50
N PHE B 353 -16.16 16.88 5.50
CA PHE B 353 -15.22 17.44 4.53
C PHE B 353 -15.34 16.65 3.22
N ASP B 354 -14.60 17.10 2.22
CA ASP B 354 -14.71 16.61 0.86
C ASP B 354 -13.34 16.16 0.35
N TYR B 355 -13.24 15.96 -0.96
CA TYR B 355 -12.01 15.46 -1.56
C TYR B 355 -10.83 16.39 -1.29
N LYS B 356 -11.06 17.70 -1.25
CA LYS B 356 -9.96 18.63 -1.05
C LYS B 356 -9.60 18.80 0.42
N ALA B 357 -10.12 17.95 1.29
CA ALA B 357 -9.82 18.01 2.73
C ALA B 357 -10.22 19.36 3.31
N GLU B 358 -11.31 19.93 2.80
CA GLU B 358 -11.85 21.17 3.29
C GLU B 358 -13.21 20.90 3.94
N PRO B 359 -13.59 21.69 4.95
CA PRO B 359 -14.88 21.45 5.60
C PRO B 359 -16.03 21.61 4.61
N LEU B 360 -17.06 20.79 4.81
CA LEU B 360 -18.31 20.88 4.05
C LEU B 360 -19.45 20.57 5.02
N GLU B 361 -19.72 21.54 5.90
CA GLU B 361 -20.64 21.32 7.01
C GLU B 361 -22.08 21.35 6.53
N THR B 362 -22.88 20.42 7.05
CA THR B 362 -24.30 20.39 6.71
C THR B 362 -25.05 21.51 7.42
N PHE B 363 -24.66 21.82 8.64
CA PHE B 363 -25.37 22.82 9.43
C PHE B 363 -24.66 24.16 9.37
N PRO B 364 -25.40 25.26 9.48
CA PRO B 364 -24.78 26.59 9.32
C PRO B 364 -23.95 27.03 10.51
N PHE B 365 -24.11 26.39 11.67
CA PHE B 365 -23.26 26.73 12.80
C PHE B 365 -21.89 26.07 12.66
N ASP B 366 -20.97 26.47 13.54
CA ASP B 366 -19.59 26.00 13.51
C ASP B 366 -19.53 24.63 14.17
N GLN B 367 -19.29 23.59 13.37
CA GLN B 367 -19.20 22.23 13.90
C GLN B 367 -17.86 21.93 14.54
N SER B 368 -16.90 22.86 14.48
CA SER B 368 -15.64 22.70 15.21
C SER B 368 -15.84 22.62 16.72
N LYS B 369 -16.95 23.15 17.23
CA LYS B 369 -17.17 23.24 18.67
C LYS B 369 -17.88 22.00 19.17
N GLU B 370 -17.44 21.50 20.33
CA GLU B 370 -18.10 20.36 20.94
C GLU B 370 -19.57 20.70 21.16
N ARG B 371 -20.45 19.77 20.81
CA ARG B 371 -21.88 20.03 20.85
C ARG B 371 -22.65 18.84 21.38
N LEU B 372 -23.65 19.12 22.22
CA LEU B 372 -24.57 18.09 22.66
C LEU B 372 -25.55 17.72 21.56
N SER B 373 -25.96 18.70 20.76
CA SER B 373 -26.84 18.40 19.64
C SER B 373 -26.25 17.32 18.77
N MET B 374 -24.99 17.48 18.37
CA MET B 374 -24.35 16.50 17.50
C MET B 374 -24.10 15.18 18.21
N TYR B 375 -23.82 15.22 19.53
CA TYR B 375 -23.75 13.97 20.26
C TYR B 375 -25.08 13.24 20.19
N LEU B 376 -26.18 13.94 20.52
CA LEU B 376 -27.49 13.30 20.48
C LEU B 376 -27.81 12.80 19.08
N MET B 377 -27.40 13.54 18.05
CA MET B 377 -27.63 13.08 16.69
C MET B 377 -26.93 11.75 16.43
N LYS B 378 -25.64 11.66 16.76
CA LYS B 378 -24.91 10.43 16.45
C LYS B 378 -25.36 9.28 17.33
N ALA B 379 -25.52 9.52 18.65
CA ALA B 379 -25.76 8.40 19.55
C ALA B 379 -27.15 7.80 19.37
N ASP B 380 -28.13 8.61 18.96
CA ASP B 380 -29.53 8.18 18.99
C ASP B 380 -30.22 8.27 17.65
N LEU B 381 -30.07 9.40 16.94
CA LEU B 381 -30.82 9.56 15.69
C LEU B 381 -30.19 8.77 14.54
N MET B 382 -28.90 8.95 14.31
CA MET B 382 -28.30 8.35 13.11
C MET B 382 -28.39 6.83 13.10
N PRO B 383 -28.24 6.12 14.22
CA PRO B 383 -28.56 4.68 14.18
C PRO B 383 -29.97 4.41 13.69
N PHE B 384 -30.94 5.19 14.14
CA PHE B 384 -32.31 5.03 13.65
C PHE B 384 -32.37 5.29 12.15
N LEU B 385 -31.76 6.37 11.69
CA LEU B 385 -31.75 6.70 10.27
C LEU B 385 -30.96 5.70 9.44
N TYR B 386 -29.98 5.02 10.06
CA TYR B 386 -29.22 4.01 9.34
C TYR B 386 -30.09 2.78 9.05
N TRP B 387 -30.69 2.20 10.09
CA TRP B 387 -31.49 1.00 9.90
C TRP B 387 -32.70 1.27 9.01
N ASN B 388 -33.31 2.45 9.16
CA ASN B 388 -34.65 2.68 8.61
C ASN B 388 -34.65 3.54 7.35
N MET B 389 -33.56 4.21 7.01
CA MET B 389 -33.53 5.00 5.79
C MET B 389 -32.33 4.66 4.91
N MET B 390 -31.12 4.71 5.45
CA MET B 390 -29.95 4.45 4.62
C MET B 390 -30.00 3.06 4.02
N LEU B 391 -30.26 2.05 4.84
CA LEU B 391 -30.25 0.67 4.37
C LEU B 391 -31.46 0.34 3.51
N ARG B 392 -32.47 1.21 3.49
CA ARG B 392 -33.58 1.06 2.55
C ARG B 392 -33.34 1.81 1.25
N GLY B 393 -32.20 2.49 1.11
CA GLY B 393 -31.86 3.19 -0.11
C GLY B 393 -32.42 4.59 -0.22
N TYR B 394 -32.81 5.21 0.91
CA TYR B 394 -33.40 6.54 0.90
C TYR B 394 -32.53 7.57 1.60
N TRP B 395 -31.23 7.31 1.72
CA TRP B 395 -30.30 8.29 2.26
C TRP B 395 -29.06 8.33 1.36
N GLY B 396 -28.83 9.48 0.74
CA GLY B 396 -27.64 9.68 -0.06
C GLY B 396 -26.79 10.79 0.54
N GLY B 397 -26.30 11.69 -0.30
CA GLY B 397 -25.57 12.84 0.19
C GLY B 397 -26.42 13.71 1.09
N PRO B 398 -25.77 14.43 2.02
CA PRO B 398 -26.48 15.47 2.77
C PRO B 398 -26.56 16.80 2.02
N ALA B 399 -26.22 16.82 0.74
CA ALA B 399 -26.19 18.07 -0.01
C ALA B 399 -27.52 18.82 0.10
N PHE B 400 -28.63 18.11 -0.05
CA PHE B 400 -29.94 18.77 0.03
C PHE B 400 -30.11 19.46 1.38
N LEU B 401 -29.94 18.70 2.48
CA LEU B 401 -30.09 19.26 3.81
C LEU B 401 -29.14 20.44 4.03
N ARG B 402 -27.93 20.34 3.50
CA ARG B 402 -26.97 21.44 3.63
C ARG B 402 -27.53 22.72 3.02
N LYS B 403 -28.02 22.64 1.79
CA LYS B 403 -28.51 23.83 1.11
C LYS B 403 -29.75 24.38 1.81
N LEU B 404 -30.66 23.52 2.25
CA LEU B 404 -31.81 23.99 3.03
C LEU B 404 -31.33 24.66 4.32
N PHE B 405 -30.63 23.88 5.15
CA PHE B 405 -30.19 24.42 6.44
C PHE B 405 -29.37 25.71 6.32
N HIS B 406 -29.01 26.12 5.10
CA HIS B 406 -28.25 27.35 4.90
C HIS B 406 -29.16 28.43 4.31
#